data_2VWJ
#
_entry.id   2VWJ
#
_cell.length_a   100.700
_cell.length_b   161.910
_cell.length_c   221.820
_cell.angle_alpha   90.00
_cell.angle_beta   90.00
_cell.angle_gamma   90.00
#
_symmetry.space_group_name_H-M   'I 2 2 2'
#
loop_
_entity.id
_entity.type
_entity.pdbx_description
1 polymer 'DNA POLYMERASE'
2 polymer "5'-D(*AP*AP*UP*GP*GP*AP*GP*AP*CP*GP *GP*CP*TP*TP*TP*TP*GP*CP*CP*GP*TP*GP*TP*C)-3'"
3 non-polymer 'POTASSIUM ION'
4 water water
#
loop_
_entity_poly.entity_id
_entity_poly.type
_entity_poly.pdbx_seq_one_letter_code
_entity_poly.pdbx_strand_id
1 'polypeptide(L)'
;MILDTDYITEDGKPVIRIFKKENGEFKIDYDRNFEPYIYALLKDDSAIEDVKKITAERHGTTVRVVRAEKVKKKFLGRPI
EVWKLYFTHPQDVPAIRDKIKEHPAVVDIYEYDIPFAKRYLIDKGLIPMEGDEELKMLAFDIETLYHEGEKFAEGPILMI
SYADEEGARVITWRNIDLPYVDVVSTEKEMIKRFLKVVKEKDPDVLITYNGDNFAFAYLKKRSEKLGVKFILGREGSEPK
IQRMGDRFAVEVKGRIHFDLYPVIRRTINLPTYTLEAVYEAIFGQPKEKVYAEEIAQAWETGEGLERVARYSMEDAKVTY
ELGKEFFPMEAQLSRLVGQSLWDVSRSSTGNLVEWFLLRKAYERNELAPNKPDERELARRRESYAGGYVKEPERGLWENI
VYLDFRSLYPSIIITHNVSPDTLNREGCEEYDVAPQVGHKFCKDFPGFIPSLLGDLLEERQKVKKKMKATIDPIEKKLLD
YRQRAIKILANSFYGYYGYAKARWYCKECAESVTAWGRQYIETTIREIEEKFGFKVLYADTDGFFATIPGADAETVKKKA
KEFLDYINAKLPGLLELEYEGFYKRGFFVTKKKYAVIDEEDKITTRGLEIVRRDWSEIAKETQARVLEAILKHGDVEEAV
RIVKEVTEKLSKYEVPPEKLVIYEQITRDLKDYKATGPHVAVAKRLAARGIKIRPGTVISYIVLKGSGRIGDRAIPFDEF
DPAKHKYDAEYYIENQVLPAVERILRAFGYRKEDLRYQKTRQVGLGAWLKPKT
;
A
2 'polydeoxyribonucleotide'
;(DA)(DA)(DU)(DG)(DG)(DA)(DG)(DA)(DC)(DA)(DC)(DG)(DG)(DC)(DT)(DT)(DT)(DT)(DG)(DC)
(DC)(DG)(DT)(DG)(DT)(DC)
;
B
#
loop_
_chem_comp.id
_chem_comp.type
_chem_comp.name
_chem_comp.formula
DA DNA linking 2'-DEOXYADENOSINE-5'-MONOPHOSPHATE 'C10 H14 N5 O6 P'
DC DNA linking 2'-DEOXYCYTIDINE-5'-MONOPHOSPHATE 'C9 H14 N3 O7 P'
DG DNA linking 2'-DEOXYGUANOSINE-5'-MONOPHOSPHATE 'C10 H14 N5 O7 P'
DT DNA linking THYMIDINE-5'-MONOPHOSPHATE 'C10 H15 N2 O8 P'
DU DNA linking 2'-DEOXYURIDINE-5'-MONOPHOSPHATE 'C9 H13 N2 O8 P'
K non-polymer 'POTASSIUM ION' 'K 1'
#
# COMPACT_ATOMS: atom_id res chain seq x y z
N MET A 1 4.77 23.40 12.60
CA MET A 1 5.44 22.09 12.40
C MET A 1 6.13 22.09 11.07
N ILE A 2 7.22 21.31 10.96
CA ILE A 2 7.88 21.07 9.69
C ILE A 2 6.96 20.22 8.79
N LEU A 3 6.73 20.68 7.56
CA LEU A 3 5.86 19.96 6.62
C LEU A 3 6.66 19.25 5.55
N ASP A 4 7.75 19.86 5.11
CA ASP A 4 8.59 19.25 4.10
C ASP A 4 9.95 19.92 4.08
N THR A 5 10.87 19.29 3.38
CA THR A 5 12.16 19.90 3.11
C THR A 5 12.56 19.60 1.67
N ASP A 6 13.28 20.54 1.05
CA ASP A 6 13.98 20.32 -0.21
C ASP A 6 15.20 21.22 -0.27
N TYR A 7 15.94 21.15 -1.37
CA TYR A 7 17.03 22.11 -1.64
C TYR A 7 16.89 22.78 -3.00
N ILE A 8 17.44 23.98 -3.11
CA ILE A 8 17.58 24.65 -4.41
C ILE A 8 19.01 25.08 -4.62
N THR A 9 19.50 24.87 -5.83
CA THR A 9 20.81 25.38 -6.26
C THR A 9 20.72 26.89 -6.51
N GLU A 10 21.70 27.65 -5.99
CA GLU A 10 21.84 29.07 -6.38
C GLU A 10 23.31 29.54 -6.38
N ASP A 11 23.75 29.99 -7.56
CA ASP A 11 25.16 30.30 -7.85
C ASP A 11 26.02 29.03 -7.71
N GLY A 12 25.44 27.91 -8.15
CA GLY A 12 26.08 26.59 -8.04
C GLY A 12 26.08 25.96 -6.65
N LYS A 13 25.66 26.72 -5.63
CA LYS A 13 25.65 26.25 -4.22
C LYS A 13 24.24 25.80 -3.75
N PRO A 14 24.15 24.63 -3.03
CA PRO A 14 22.89 24.08 -2.52
C PRO A 14 22.31 24.88 -1.35
N VAL A 15 20.99 24.99 -1.31
CA VAL A 15 20.29 25.68 -0.21
C VAL A 15 19.05 24.91 0.26
N ILE A 16 19.02 24.63 1.55
CA ILE A 16 17.96 23.84 2.14
C ILE A 16 16.79 24.77 2.45
N ARG A 17 15.61 24.41 1.97
CA ARG A 17 14.37 25.03 2.42
C ARG A 17 13.63 24.09 3.37
N ILE A 18 13.21 24.63 4.51
CA ILE A 18 12.39 23.88 5.44
C ILE A 18 11.04 24.55 5.45
N PHE A 19 10.01 23.85 5.00
CA PHE A 19 8.66 24.38 4.96
C PHE A 19 7.91 24.11 6.25
N LYS A 20 7.45 25.17 6.89
CA LYS A 20 6.78 25.08 8.18
C LYS A 20 5.41 25.70 8.11
N LYS A 21 4.61 25.42 9.15
CA LYS A 21 3.38 26.12 9.45
C LYS A 21 3.40 26.30 10.97
N GLU A 22 3.57 27.54 11.44
CA GLU A 22 3.60 27.84 12.89
C GLU A 22 2.62 28.96 13.23
N ASN A 23 1.69 28.65 14.15
CA ASN A 23 0.61 29.56 14.58
C ASN A 23 -0.10 30.16 13.38
N GLY A 24 -0.83 29.34 12.64
CA GLY A 24 -1.58 29.83 11.49
C GLY A 24 -0.75 30.48 10.39
N GLU A 25 0.57 30.49 10.48
CA GLU A 25 1.38 31.17 9.45
C GLU A 25 2.34 30.25 8.68
N PHE A 26 2.17 30.15 7.37
CA PHE A 26 3.12 29.42 6.53
C PHE A 26 4.45 30.16 6.47
N LYS A 27 5.57 29.45 6.55
CA LYS A 27 6.90 30.07 6.35
C LYS A 27 8.02 29.12 5.90
N ILE A 28 9.00 29.67 5.19
CA ILE A 28 10.07 28.90 4.60
C ILE A 28 11.40 29.29 5.25
N ASP A 29 12.03 28.39 5.99
CA ASP A 29 13.35 28.72 6.55
C ASP A 29 14.47 28.27 5.61
N TYR A 30 15.64 28.88 5.73
CA TYR A 30 16.72 28.58 4.80
C TYR A 30 17.98 28.11 5.51
N ASP A 31 18.74 27.26 4.85
CA ASP A 31 20.03 26.85 5.39
C ASP A 31 21.03 26.74 4.24
N ARG A 32 22.10 27.54 4.36
CA ARG A 32 23.14 27.63 3.34
C ARG A 32 24.43 26.94 3.82
N ASN A 33 24.36 26.32 4.99
CA ASN A 33 25.55 25.79 5.67
C ASN A 33 25.66 24.27 5.69
N PHE A 34 24.67 23.59 5.12
CA PHE A 34 24.64 22.15 5.19
C PHE A 34 25.45 21.46 4.08
N GLU A 35 26.56 20.82 4.43
CA GLU A 35 27.41 20.13 3.45
C GLU A 35 26.99 18.70 3.18
N PRO A 36 26.85 18.34 1.90
CA PRO A 36 26.71 16.95 1.44
C PRO A 36 27.98 16.16 1.74
N TYR A 37 27.87 14.85 1.91
CA TYR A 37 29.03 14.03 2.23
C TYR A 37 28.76 12.55 2.01
N ILE A 38 29.84 11.80 1.82
CA ILE A 38 29.77 10.36 1.90
C ILE A 38 30.84 9.82 2.85
N TYR A 39 30.88 8.51 3.01
CA TYR A 39 31.89 7.87 3.81
C TYR A 39 32.70 6.91 2.94
N ALA A 40 34.01 6.99 3.08
CA ALA A 40 34.92 6.06 2.41
C ALA A 40 35.78 5.31 3.43
N LEU A 41 35.93 4.01 3.18
CA LEU A 41 36.81 3.13 3.96
C LEU A 41 38.12 2.85 3.23
N LEU A 42 39.23 3.15 3.90
CA LEU A 42 40.58 3.05 3.31
C LEU A 42 41.39 1.89 3.87
N LYS A 43 42.19 1.26 3.02
CA LYS A 43 43.19 0.25 3.43
C LYS A 43 44.19 0.87 4.41
N ASP A 44 44.80 1.99 4.01
CA ASP A 44 45.68 2.73 4.93
C ASP A 44 45.35 4.22 5.00
N ASP A 45 45.38 4.72 6.23
CA ASP A 45 45.07 6.10 6.58
C ASP A 45 45.94 7.15 5.86
N SER A 46 46.91 6.70 5.07
CA SER A 46 47.89 7.59 4.41
C SER A 46 47.47 7.99 2.99
N ALA A 47 47.03 7.01 2.20
CA ALA A 47 46.59 7.22 0.82
C ALA A 47 45.46 8.25 0.70
N ILE A 48 45.10 8.88 1.82
CA ILE A 48 44.07 9.93 1.88
C ILE A 48 44.33 11.06 0.87
N GLU A 49 45.60 11.38 0.67
CA GLU A 49 46.02 12.51 -0.18
C GLU A 49 45.77 12.27 -1.65
N ASP A 50 45.92 11.01 -2.06
CA ASP A 50 45.62 10.59 -3.41
C ASP A 50 44.12 10.70 -3.65
N VAL A 51 43.34 10.40 -2.61
CA VAL A 51 41.88 10.48 -2.66
C VAL A 51 41.39 11.93 -2.51
N LYS A 52 41.85 12.64 -1.47
CA LYS A 52 41.48 14.05 -1.22
C LYS A 52 41.78 14.93 -2.44
N LYS A 53 41.99 14.29 -3.59
CA LYS A 53 42.39 14.95 -4.84
C LYS A 53 41.76 14.28 -6.06
N ILE A 54 40.79 13.39 -5.85
CA ILE A 54 40.05 12.80 -6.97
C ILE A 54 39.10 13.83 -7.53
N THR A 55 38.72 13.62 -8.80
CA THR A 55 37.94 14.57 -9.58
C THR A 55 37.19 13.87 -10.73
N ALA A 56 35.95 14.29 -10.93
CA ALA A 56 35.18 13.92 -12.12
C ALA A 56 34.39 15.13 -12.65
N GLU A 57 34.06 15.07 -13.94
CA GLU A 57 33.41 16.19 -14.64
C GLU A 57 31.98 15.82 -15.05
N ARG A 58 31.02 16.64 -14.62
CA ARG A 58 29.60 16.50 -14.98
C ARG A 58 28.89 17.85 -15.20
N HIS A 59 28.08 17.93 -16.27
CA HIS A 59 27.50 19.19 -16.76
C HIS A 59 28.55 20.32 -16.85
N GLY A 60 29.65 20.04 -17.57
CA GLY A 60 30.72 21.00 -17.84
C GLY A 60 31.71 21.28 -16.72
N THR A 61 31.18 21.58 -15.53
CA THR A 61 32.00 21.92 -14.37
C THR A 61 32.69 20.69 -13.75
N THR A 62 33.95 20.84 -13.33
CA THR A 62 34.70 19.76 -12.63
C THR A 62 34.47 19.75 -11.11
N VAL A 63 34.44 18.54 -10.55
CA VAL A 63 34.02 18.30 -9.18
C VAL A 63 35.15 17.77 -8.32
N ARG A 64 35.45 18.49 -7.25
CA ARG A 64 36.51 18.08 -6.32
C ARG A 64 35.94 17.62 -4.97
N VAL A 65 36.81 17.02 -4.15
CA VAL A 65 36.48 16.61 -2.79
C VAL A 65 36.76 17.77 -1.84
N VAL A 66 35.88 18.76 -1.85
CA VAL A 66 35.99 19.97 -1.00
C VAL A 66 36.64 19.77 0.37
N ARG A 67 36.68 18.55 0.88
CA ARG A 67 37.25 18.27 2.22
C ARG A 67 37.11 16.79 2.60
N ALA A 68 38.11 16.29 3.32
CA ALA A 68 38.05 14.98 3.97
C ALA A 68 38.18 15.17 5.48
N GLU A 69 37.75 14.16 6.23
CA GLU A 69 37.79 14.17 7.69
C GLU A 69 37.70 12.72 8.18
N LYS A 70 38.63 12.33 9.05
CA LYS A 70 38.68 10.97 9.56
C LYS A 70 37.86 10.88 10.84
N VAL A 71 36.85 10.03 10.83
CA VAL A 71 35.93 9.93 11.97
C VAL A 71 35.76 8.48 12.40
N LYS A 72 35.53 8.30 13.71
CA LYS A 72 35.36 6.99 14.30
C LYS A 72 33.88 6.71 14.55
N LYS A 73 33.42 5.55 14.08
CA LYS A 73 32.02 5.17 14.20
C LYS A 73 31.89 3.72 14.68
N LYS A 74 30.65 3.22 14.65
CA LYS A 74 30.38 1.79 14.81
C LYS A 74 29.81 1.30 13.51
N PHE A 75 30.24 0.13 13.07
CA PHE A 75 29.59 -0.62 12.00
C PHE A 75 29.12 -1.94 12.58
N LEU A 76 27.80 -2.09 12.68
CA LEU A 76 27.18 -3.28 13.30
C LEU A 76 27.75 -3.53 14.69
N GLY A 77 27.81 -2.46 15.48
CA GLY A 77 28.22 -2.56 16.87
C GLY A 77 29.70 -2.48 17.07
N ARG A 78 30.44 -3.15 16.18
CA ARG A 78 31.92 -3.16 16.20
C ARG A 78 32.49 -1.79 15.77
N PRO A 79 33.58 -1.32 16.45
CA PRO A 79 34.12 0.00 16.06
C PRO A 79 34.71 -0.03 14.66
N ILE A 80 34.61 1.09 13.96
CA ILE A 80 35.19 1.23 12.63
C ILE A 80 35.73 2.65 12.44
N GLU A 81 36.77 2.76 11.62
CA GLU A 81 37.36 4.05 11.25
C GLU A 81 37.21 4.30 9.77
N VAL A 82 36.51 5.38 9.44
CA VAL A 82 36.31 5.76 8.04
C VAL A 82 36.54 7.23 7.79
N TRP A 83 36.62 7.54 6.49
CA TRP A 83 36.88 8.87 6.00
C TRP A 83 35.60 9.51 5.44
N LYS A 84 35.16 10.57 6.11
CA LYS A 84 33.98 11.35 5.71
C LYS A 84 34.35 12.39 4.66
N LEU A 85 33.97 12.12 3.42
CA LEU A 85 34.34 12.97 2.31
C LEU A 85 33.25 13.99 1.99
N TYR A 86 33.54 15.27 2.24
CA TYR A 86 32.63 16.38 1.96
C TYR A 86 32.57 16.84 0.50
N PHE A 87 31.59 17.69 0.19
CA PHE A 87 31.38 18.19 -1.16
C PHE A 87 30.78 19.61 -1.20
N THR A 88 30.52 20.07 -2.42
CA THR A 88 29.88 21.37 -2.59
C THR A 88 28.40 21.18 -2.86
N HIS A 89 28.06 20.38 -3.87
CA HIS A 89 26.66 20.24 -4.26
C HIS A 89 26.22 18.78 -4.27
N PRO A 90 25.11 18.49 -3.57
CA PRO A 90 24.46 17.20 -3.53
C PRO A 90 24.70 16.41 -4.79
N GLN A 91 24.38 17.02 -5.93
CA GLN A 91 24.51 16.37 -7.22
C GLN A 91 25.93 15.87 -7.56
N ASP A 92 26.95 16.37 -6.86
CA ASP A 92 28.33 15.91 -7.02
C ASP A 92 28.46 14.40 -6.79
N VAL A 93 27.72 13.93 -5.77
CA VAL A 93 27.83 12.57 -5.26
C VAL A 93 27.61 11.46 -6.29
N PRO A 94 26.46 11.46 -7.01
CA PRO A 94 26.20 10.31 -7.91
C PRO A 94 27.12 10.23 -9.13
N ALA A 95 28.14 11.10 -9.16
CA ALA A 95 29.05 11.25 -10.29
C ALA A 95 30.49 10.91 -9.90
N ILE A 96 30.96 11.49 -8.80
CA ILE A 96 32.29 11.21 -8.23
C ILE A 96 32.38 9.82 -7.57
N ARG A 97 31.21 9.24 -7.29
CA ARG A 97 31.00 8.02 -6.52
C ARG A 97 31.86 6.83 -6.94
N ASP A 98 31.55 6.27 -8.11
CA ASP A 98 32.17 5.05 -8.61
C ASP A 98 33.66 5.24 -8.88
N LYS A 99 34.05 6.48 -9.12
CA LYS A 99 35.47 6.81 -9.25
C LYS A 99 36.21 6.75 -7.91
N ILE A 100 35.54 7.12 -6.81
CA ILE A 100 36.15 6.99 -5.48
C ILE A 100 36.23 5.53 -5.06
N LYS A 101 35.16 4.78 -5.35
CA LYS A 101 35.13 3.35 -5.08
C LYS A 101 36.24 2.60 -5.84
N GLU A 102 36.30 2.79 -7.17
CA GLU A 102 37.30 2.12 -8.06
C GLU A 102 38.76 2.21 -7.62
N HIS A 103 39.17 3.39 -7.16
CA HIS A 103 40.49 3.63 -6.58
C HIS A 103 40.94 2.44 -5.71
N PRO A 104 42.14 1.88 -5.99
CA PRO A 104 42.60 0.68 -5.25
C PRO A 104 42.76 0.85 -3.71
N ALA A 105 43.11 2.05 -3.24
CA ALA A 105 43.23 2.32 -1.78
C ALA A 105 41.89 2.36 -1.01
N VAL A 106 40.78 2.56 -1.74
CA VAL A 106 39.45 2.58 -1.14
C VAL A 106 38.83 1.20 -1.13
N VAL A 107 38.49 0.72 0.08
CA VAL A 107 37.85 -0.58 0.29
C VAL A 107 36.37 -0.48 -0.01
N ASP A 108 35.74 0.56 0.55
CA ASP A 108 34.32 0.84 0.31
C ASP A 108 33.82 2.23 0.68
N ILE A 109 32.65 2.54 0.11
CA ILE A 109 31.92 3.78 0.37
C ILE A 109 30.56 3.52 0.99
N TYR A 110 30.08 4.50 1.75
CA TYR A 110 28.88 4.32 2.57
C TYR A 110 28.06 5.58 2.55
N GLU A 111 26.74 5.43 2.68
CA GLU A 111 25.84 6.57 2.83
C GLU A 111 25.94 7.58 1.67
N TYR A 112 25.81 7.03 0.46
CA TYR A 112 26.02 7.74 -0.78
C TYR A 112 24.76 7.74 -1.66
N ASP A 113 23.61 7.46 -1.06
CA ASP A 113 22.36 7.49 -1.81
C ASP A 113 21.22 8.00 -0.93
N ILE A 114 21.57 8.87 0.01
CA ILE A 114 20.61 9.44 0.91
C ILE A 114 20.25 10.81 0.35
N PRO A 115 19.06 10.93 -0.24
CA PRO A 115 18.58 12.23 -0.70
C PRO A 115 18.91 13.37 0.24
N PHE A 116 19.66 14.35 -0.28
CA PHE A 116 20.09 15.56 0.45
C PHE A 116 19.05 16.19 1.40
N ALA A 117 17.81 16.36 0.95
CA ALA A 117 16.80 16.97 1.82
C ALA A 117 16.39 16.06 2.99
N LYS A 118 16.49 14.75 2.76
CA LYS A 118 16.21 13.75 3.81
C LYS A 118 17.46 13.59 4.68
N ARG A 119 18.62 13.62 4.03
CA ARG A 119 19.87 13.65 4.78
C ARG A 119 19.82 14.78 5.83
N TYR A 120 19.28 15.93 5.44
CA TYR A 120 19.20 17.10 6.32
C TYR A 120 18.33 16.82 7.54
N LEU A 121 17.18 16.17 7.30
CA LEU A 121 16.21 15.89 8.36
C LEU A 121 16.85 15.08 9.46
N ILE A 122 17.59 14.05 9.05
CA ILE A 122 18.26 13.12 9.96
C ILE A 122 19.34 13.84 10.75
N ASP A 123 20.29 14.46 10.06
CA ASP A 123 21.51 14.99 10.69
C ASP A 123 21.20 16.09 11.69
N LYS A 124 20.31 17.03 11.33
CA LYS A 124 19.88 18.08 12.24
C LYS A 124 18.85 17.58 13.26
N GLY A 125 18.60 16.27 13.27
CA GLY A 125 17.54 15.70 14.12
C GLY A 125 16.18 16.39 14.07
N LEU A 126 15.76 16.82 12.89
CA LEU A 126 14.48 17.49 12.74
C LEU A 126 13.37 16.49 12.43
N ILE A 127 12.17 16.74 12.93
CA ILE A 127 11.09 15.76 12.82
C ILE A 127 9.81 16.36 12.25
N PRO A 128 9.43 15.97 11.02
CA PRO A 128 8.18 16.50 10.46
C PRO A 128 6.96 16.15 11.30
N MET A 129 5.86 16.85 11.05
CA MET A 129 4.56 16.62 11.73
C MET A 129 4.53 16.58 13.27
N GLU A 130 5.39 17.33 13.94
CA GLU A 130 5.30 17.45 15.41
C GLU A 130 4.57 18.71 15.83
N GLY A 131 3.78 18.66 16.90
CA GLY A 131 3.26 19.90 17.49
C GLY A 131 1.76 20.00 17.49
N ASP A 132 1.25 21.15 17.94
CA ASP A 132 -0.20 21.32 18.18
C ASP A 132 -0.99 21.77 16.92
N GLU A 133 -0.31 22.47 16.01
CA GLU A 133 -0.86 23.04 14.77
C GLU A 133 -2.09 22.35 14.19
N GLU A 134 -3.17 23.11 14.02
CA GLU A 134 -4.29 22.68 13.19
C GLU A 134 -3.96 22.91 11.70
N LEU A 135 -3.59 21.84 10.99
CA LEU A 135 -3.36 21.97 9.56
C LEU A 135 -4.67 22.24 8.83
N LYS A 136 -4.63 23.02 7.76
CA LYS A 136 -5.85 23.35 7.03
C LYS A 136 -5.84 22.47 5.79
N MET A 137 -6.99 21.84 5.53
CA MET A 137 -7.07 20.72 4.59
C MET A 137 -8.19 20.82 3.56
N LEU A 138 -7.89 20.44 2.32
CA LEU A 138 -8.87 20.54 1.26
C LEU A 138 -8.86 19.29 0.39
N ALA A 139 -10.02 18.66 0.24
CA ALA A 139 -10.13 17.58 -0.71
C ALA A 139 -10.60 18.15 -2.04
N PHE A 140 -10.14 17.56 -3.14
CA PHE A 140 -10.67 17.89 -4.46
C PHE A 140 -10.74 16.72 -5.45
N ASP A 141 -11.74 16.79 -6.32
CA ASP A 141 -11.91 15.84 -7.43
C ASP A 141 -12.35 16.56 -8.74
N ILE A 142 -12.12 15.91 -9.87
CA ILE A 142 -12.56 16.43 -11.16
C ILE A 142 -13.44 15.37 -11.80
N GLU A 143 -14.35 15.79 -12.67
CA GLU A 143 -15.14 14.86 -13.47
C GLU A 143 -15.01 15.24 -14.93
N THR A 144 -14.47 14.33 -15.75
CA THR A 144 -14.11 14.66 -17.15
C THR A 144 -15.12 14.14 -18.19
N LEU A 145 -15.02 14.66 -19.43
CA LEU A 145 -15.75 14.12 -20.59
C LEU A 145 -14.89 13.06 -21.30
N TYR A 146 -15.41 11.84 -21.35
CA TYR A 146 -14.64 10.69 -21.84
C TYR A 146 -15.34 9.95 -22.98
N HIS A 147 -14.56 9.58 -23.98
CA HIS A 147 -14.99 8.67 -25.05
C HIS A 147 -13.87 7.68 -25.34
N GLU A 148 -14.24 6.41 -25.37
CA GLU A 148 -13.31 5.32 -25.60
C GLU A 148 -12.31 5.59 -26.71
N GLY A 149 -11.03 5.41 -26.39
CA GLY A 149 -9.98 5.46 -27.40
C GLY A 149 -9.29 6.79 -27.58
N GLU A 150 -9.82 7.84 -26.96
CA GLU A 150 -9.22 9.16 -27.02
C GLU A 150 -7.84 9.15 -26.40
N LYS A 151 -6.93 9.96 -26.94
CA LYS A 151 -5.64 10.24 -26.30
C LYS A 151 -5.90 10.84 -24.91
N PHE A 152 -4.95 10.65 -24.00
CA PHE A 152 -5.11 11.13 -22.64
C PHE A 152 -5.44 12.62 -22.61
N ALA A 153 -6.52 12.95 -21.90
CA ALA A 153 -6.98 14.34 -21.66
C ALA A 153 -7.37 15.12 -22.92
N GLU A 154 -7.75 14.39 -23.96
CA GLU A 154 -8.31 15.01 -25.16
C GLU A 154 -9.65 15.64 -24.81
N GLY A 155 -10.50 14.86 -24.13
CA GLY A 155 -11.75 15.36 -23.57
C GLY A 155 -11.54 16.51 -22.58
N PRO A 156 -12.50 17.43 -22.50
CA PRO A 156 -12.38 18.49 -21.50
C PRO A 156 -12.79 18.01 -20.12
N ILE A 157 -12.28 18.69 -19.10
CA ILE A 157 -12.82 18.57 -17.74
C ILE A 157 -14.19 19.25 -17.77
N LEU A 158 -15.13 18.71 -17.02
CA LEU A 158 -16.46 19.27 -17.02
C LEU A 158 -16.75 19.98 -15.71
N MET A 159 -16.20 19.44 -14.63
CA MET A 159 -16.40 19.99 -13.28
C MET A 159 -15.16 19.75 -12.43
N ILE A 160 -14.92 20.67 -11.50
CA ILE A 160 -13.92 20.52 -10.47
C ILE A 160 -14.66 20.71 -9.15
N SER A 161 -14.51 19.76 -8.24
CA SER A 161 -15.22 19.77 -6.96
C SER A 161 -14.24 19.83 -5.83
N TYR A 162 -14.62 20.51 -4.75
CA TYR A 162 -13.76 20.56 -3.59
C TYR A 162 -14.58 20.56 -2.33
N ALA A 163 -13.98 20.09 -1.24
CA ALA A 163 -14.67 20.04 0.07
C ALA A 163 -13.71 20.20 1.24
N ASP A 164 -14.21 20.81 2.31
CA ASP A 164 -13.49 20.91 3.58
C ASP A 164 -14.44 21.17 4.75
N GLU A 165 -13.89 21.62 5.88
CA GLU A 165 -14.67 21.79 7.09
C GLU A 165 -15.92 22.65 6.85
N GLU A 166 -15.82 23.56 5.86
CA GLU A 166 -16.93 24.44 5.51
C GLU A 166 -17.93 23.84 4.57
N GLY A 167 -17.64 22.68 4.00
CA GLY A 167 -18.60 22.04 3.11
C GLY A 167 -18.06 21.76 1.73
N ALA A 168 -18.92 21.27 0.86
CA ALA A 168 -18.51 20.93 -0.50
C ALA A 168 -19.14 21.88 -1.51
N ARG A 169 -18.50 22.02 -2.67
CA ARG A 169 -19.00 22.86 -3.76
C ARG A 169 -18.53 22.27 -5.08
N VAL A 170 -19.19 22.66 -6.17
CA VAL A 170 -18.75 22.28 -7.52
C VAL A 170 -18.53 23.53 -8.39
N ILE A 171 -17.51 23.49 -9.25
CA ILE A 171 -17.26 24.54 -10.24
C ILE A 171 -17.46 23.95 -11.64
N THR A 172 -18.45 24.48 -12.36
CA THR A 172 -18.76 23.96 -13.70
C THR A 172 -19.11 25.06 -14.71
N TRP A 173 -18.77 24.83 -15.98
CA TRP A 173 -19.05 25.79 -17.03
C TRP A 173 -20.28 25.44 -17.85
N ARG A 174 -21.43 25.47 -17.18
CA ARG A 174 -22.74 25.09 -17.73
C ARG A 174 -23.71 25.39 -16.62
N ASN A 175 -24.77 26.13 -16.93
CA ASN A 175 -25.73 26.49 -15.91
C ASN A 175 -26.43 25.27 -15.32
N ILE A 176 -26.20 25.07 -14.02
CA ILE A 176 -26.88 24.04 -13.22
C ILE A 176 -27.36 24.76 -11.97
N ASP A 177 -28.49 24.32 -11.43
CA ASP A 177 -29.16 25.12 -10.42
C ASP A 177 -29.18 24.57 -9.00
N LEU A 178 -28.00 24.33 -8.43
CA LEU A 178 -27.93 23.88 -7.05
C LEU A 178 -27.12 24.83 -6.17
N PRO A 179 -27.46 24.91 -4.87
CA PRO A 179 -26.89 25.91 -3.94
C PRO A 179 -25.39 25.79 -3.67
N TYR A 180 -24.79 24.69 -4.13
CA TYR A 180 -23.37 24.45 -3.90
C TYR A 180 -22.58 24.39 -5.22
N VAL A 181 -23.26 24.67 -6.33
CA VAL A 181 -22.60 24.76 -7.63
C VAL A 181 -22.26 26.22 -7.93
N ASP A 182 -21.04 26.47 -8.38
CA ASP A 182 -20.65 27.78 -8.86
C ASP A 182 -20.54 27.74 -10.37
N VAL A 183 -21.49 28.36 -11.05
CA VAL A 183 -21.45 28.39 -12.50
C VAL A 183 -20.49 29.48 -12.92
N VAL A 184 -19.62 29.12 -13.86
CA VAL A 184 -18.74 30.07 -14.50
C VAL A 184 -18.90 29.86 -16.04
N SER A 185 -18.21 30.63 -16.86
CA SER A 185 -18.50 30.64 -18.30
C SER A 185 -17.85 29.48 -19.09
N THR A 186 -16.57 29.20 -18.88
CA THR A 186 -15.90 28.14 -19.64
C THR A 186 -15.00 27.24 -18.79
N GLU A 187 -14.40 26.24 -19.44
CA GLU A 187 -13.54 25.34 -18.71
C GLU A 187 -12.29 26.12 -18.31
N LYS A 188 -11.82 26.99 -19.18
CA LYS A 188 -10.67 27.82 -18.82
C LYS A 188 -10.95 28.63 -17.55
N GLU A 189 -12.21 29.01 -17.38
CA GLU A 189 -12.61 29.79 -16.20
C GLU A 189 -12.80 28.89 -14.99
N MET A 190 -13.36 27.71 -15.22
CA MET A 190 -13.50 26.69 -14.20
C MET A 190 -12.16 26.44 -13.49
N ILE A 191 -11.15 26.10 -14.28
CA ILE A 191 -9.83 25.83 -13.76
C ILE A 191 -9.31 27.02 -12.96
N LYS A 192 -9.30 28.20 -13.58
CA LYS A 192 -8.79 29.43 -12.98
C LYS A 192 -9.44 29.74 -11.64
N ARG A 193 -10.72 29.43 -11.53
CA ARG A 193 -11.47 29.61 -10.30
C ARG A 193 -11.03 28.60 -9.22
N PHE A 194 -10.98 27.31 -9.61
CA PHE A 194 -10.34 26.29 -8.77
C PHE A 194 -9.00 26.78 -8.24
N LEU A 195 -8.12 27.22 -9.13
CA LEU A 195 -6.83 27.77 -8.72
C LEU A 195 -6.95 28.91 -7.71
N LYS A 196 -8.01 29.68 -7.82
CA LYS A 196 -8.19 30.84 -6.96
C LYS A 196 -8.62 30.34 -5.58
N VAL A 197 -9.58 29.42 -5.59
CA VAL A 197 -10.07 28.80 -4.37
C VAL A 197 -8.91 28.19 -3.57
N VAL A 198 -8.00 27.51 -4.27
CA VAL A 198 -6.87 26.93 -3.60
C VAL A 198 -5.99 28.05 -3.07
N LYS A 199 -5.70 29.05 -3.91
CA LYS A 199 -4.83 30.15 -3.46
C LYS A 199 -5.37 30.85 -2.20
N GLU A 200 -6.69 31.05 -2.13
CA GLU A 200 -7.34 31.80 -1.06
C GLU A 200 -7.44 31.00 0.24
N LYS A 201 -7.95 29.77 0.14
CA LYS A 201 -8.04 28.86 1.27
C LYS A 201 -6.66 28.42 1.80
N ASP A 202 -5.62 28.60 0.99
CA ASP A 202 -4.26 28.23 1.36
C ASP A 202 -4.13 26.92 2.17
N PRO A 203 -4.62 25.76 1.66
CA PRO A 203 -4.55 24.58 2.54
C PRO A 203 -3.12 24.05 2.70
N ASP A 204 -2.83 23.42 3.84
CA ASP A 204 -1.55 22.75 4.05
C ASP A 204 -1.57 21.39 3.36
N VAL A 205 -2.75 20.81 3.26
CA VAL A 205 -2.92 19.50 2.67
C VAL A 205 -3.96 19.61 1.58
N LEU A 206 -3.56 19.21 0.38
CA LEU A 206 -4.54 18.86 -0.65
C LEU A 206 -4.74 17.36 -0.69
N ILE A 207 -5.98 16.92 -0.60
CA ILE A 207 -6.32 15.51 -0.52
C ILE A 207 -6.98 15.04 -1.80
N THR A 208 -6.35 14.07 -2.45
CA THR A 208 -6.93 13.48 -3.65
C THR A 208 -7.17 12.01 -3.42
N TYR A 209 -7.73 11.37 -4.44
CA TYR A 209 -7.80 9.94 -4.50
C TYR A 209 -7.24 9.53 -5.86
N ASN A 210 -5.96 9.16 -5.86
CA ASN A 210 -5.23 8.77 -7.06
C ASN A 210 -4.84 9.98 -7.90
N GLY A 211 -4.75 11.14 -7.25
CA GLY A 211 -4.37 12.38 -7.91
C GLY A 211 -3.01 12.22 -8.53
N ASP A 212 -2.22 11.31 -7.98
CA ASP A 212 -0.90 10.99 -8.49
C ASP A 212 -0.90 10.51 -9.93
N ASN A 213 -2.00 9.88 -10.35
CA ASN A 213 -2.03 9.28 -11.67
C ASN A 213 -3.02 9.86 -12.64
N PHE A 214 -4.11 10.40 -12.10
CA PHE A 214 -5.17 10.99 -12.91
C PHE A 214 -5.24 12.53 -12.79
N ALA A 215 -6.03 13.02 -11.83
CA ALA A 215 -6.40 14.44 -11.69
C ALA A 215 -5.29 15.44 -12.01
N PHE A 216 -4.17 15.38 -11.30
CA PHE A 216 -3.07 16.33 -11.57
C PHE A 216 -2.52 16.31 -13.00
N ALA A 217 -2.41 15.12 -13.61
CA ALA A 217 -1.92 15.02 -14.97
C ALA A 217 -2.97 15.53 -15.97
N TYR A 218 -4.24 15.26 -15.68
CA TYR A 218 -5.32 15.78 -16.50
C TYR A 218 -5.26 17.31 -16.51
N LEU A 219 -5.46 17.90 -15.34
CA LEU A 219 -5.34 19.35 -15.17
C LEU A 219 -4.08 19.93 -15.81
N LYS A 220 -2.97 19.20 -15.79
CA LYS A 220 -1.73 19.68 -16.42
C LYS A 220 -1.93 19.87 -17.91
N LYS A 221 -2.38 18.80 -18.58
CA LYS A 221 -2.48 18.81 -20.02
C LYS A 221 -3.53 19.84 -20.47
N ARG A 222 -4.65 19.93 -19.76
CA ARG A 222 -5.69 20.94 -20.04
C ARG A 222 -5.18 22.37 -19.86
N SER A 223 -4.48 22.62 -18.77
CA SER A 223 -3.88 23.92 -18.53
C SER A 223 -2.87 24.32 -19.60
N GLU A 224 -2.27 23.36 -20.29
CA GLU A 224 -1.40 23.65 -21.43
C GLU A 224 -2.21 23.95 -22.70
N LYS A 225 -3.28 23.21 -22.91
CA LYS A 225 -4.19 23.43 -24.03
C LYS A 225 -4.80 24.82 -23.98
N LEU A 226 -5.11 25.32 -22.79
CA LEU A 226 -5.79 26.61 -22.65
C LEU A 226 -4.93 27.76 -22.08
N GLY A 227 -3.62 27.56 -22.05
CA GLY A 227 -2.69 28.57 -21.51
C GLY A 227 -3.10 29.12 -20.15
N VAL A 228 -3.40 28.23 -19.23
CA VAL A 228 -3.58 28.56 -17.81
C VAL A 228 -2.27 28.19 -17.12
N LYS A 229 -1.62 29.17 -16.48
CA LYS A 229 -0.47 28.86 -15.61
C LYS A 229 -1.06 28.14 -14.39
N PHE A 230 -0.83 26.83 -14.34
CA PHE A 230 -1.41 25.97 -13.31
C PHE A 230 -0.55 26.08 -12.06
N ILE A 231 -0.87 27.05 -11.22
CA ILE A 231 -0.03 27.35 -10.08
C ILE A 231 -0.75 26.90 -8.82
N LEU A 232 -0.25 25.83 -8.18
CA LEU A 232 -0.80 25.41 -6.89
C LEU A 232 0.21 25.55 -5.75
N GLY A 233 1.50 25.60 -6.07
CA GLY A 233 2.57 25.75 -5.07
C GLY A 233 2.38 26.98 -4.19
N ARG A 234 2.93 26.97 -2.99
CA ARG A 234 2.83 28.13 -2.12
C ARG A 234 3.89 29.17 -2.48
N GLU A 235 4.86 28.75 -3.28
CA GLU A 235 5.90 29.64 -3.72
C GLU A 235 5.74 29.89 -5.22
N GLY A 236 4.48 29.82 -5.67
CA GLY A 236 4.10 30.10 -7.05
C GLY A 236 4.74 29.18 -8.07
N SER A 237 4.23 27.96 -8.17
CA SER A 237 4.79 26.95 -9.07
C SER A 237 3.77 25.86 -9.31
N GLU A 238 4.01 25.06 -10.33
CA GLU A 238 3.04 24.05 -10.73
C GLU A 238 3.37 22.71 -10.07
N PRO A 239 2.37 21.83 -9.95
CA PRO A 239 2.59 20.48 -9.49
C PRO A 239 3.80 19.82 -10.17
N LYS A 240 4.72 19.29 -9.37
CA LYS A 240 5.89 18.61 -9.86
C LYS A 240 5.65 17.11 -10.02
N ILE A 241 5.41 16.65 -11.25
CA ILE A 241 5.20 15.21 -11.53
C ILE A 241 6.48 14.39 -11.51
N GLN A 242 6.53 13.40 -10.62
CA GLN A 242 7.77 12.71 -10.26
C GLN A 242 7.62 11.21 -10.49
N ARG A 243 8.69 10.58 -10.96
CA ARG A 243 8.66 9.15 -11.31
C ARG A 243 9.24 8.35 -10.13
N MET A 244 8.42 7.48 -9.53
CA MET A 244 8.80 6.78 -8.28
C MET A 244 9.42 5.38 -8.49
N GLY A 245 9.76 5.07 -9.74
CA GLY A 245 10.09 3.72 -10.16
C GLY A 245 8.97 3.29 -11.10
N ASP A 246 8.01 2.54 -10.55
CA ASP A 246 6.92 1.94 -11.35
C ASP A 246 5.81 2.95 -11.66
N ARG A 247 5.39 3.71 -10.65
CA ARG A 247 4.33 4.72 -10.85
C ARG A 247 4.84 6.16 -10.70
N PHE A 248 3.90 7.11 -10.89
CA PHE A 248 4.15 8.53 -10.74
C PHE A 248 3.63 9.02 -9.40
N ALA A 249 4.20 10.11 -8.92
CA ALA A 249 3.69 10.82 -7.76
C ALA A 249 3.78 12.31 -8.02
N VAL A 250 2.77 13.05 -7.55
CA VAL A 250 2.69 14.49 -7.77
C VAL A 250 2.84 15.29 -6.48
N GLU A 251 3.72 16.26 -6.53
CA GLU A 251 4.09 17.08 -5.41
C GLU A 251 3.56 18.53 -5.60
N VAL A 252 3.09 19.18 -4.55
CA VAL A 252 2.69 20.59 -4.63
C VAL A 252 3.55 21.33 -3.62
N LYS A 253 4.52 22.10 -4.10
CA LYS A 253 5.52 22.71 -3.19
C LYS A 253 4.95 23.57 -2.05
N GLY A 254 5.45 23.32 -0.85
CA GLY A 254 4.99 24.06 0.33
C GLY A 254 3.68 23.57 0.91
N ARG A 255 3.05 22.61 0.21
CA ARG A 255 1.86 21.89 0.72
C ARG A 255 2.12 20.39 0.87
N ILE A 256 1.10 19.67 1.29
CA ILE A 256 1.21 18.22 1.32
C ILE A 256 0.15 17.63 0.38
N HIS A 257 0.58 17.09 -0.74
CA HIS A 257 -0.38 16.35 -1.55
C HIS A 257 -0.57 14.99 -0.91
N PHE A 258 -1.75 14.75 -0.37
CA PHE A 258 -2.05 13.51 0.31
C PHE A 258 -2.93 12.68 -0.59
N ASP A 259 -2.28 11.72 -1.23
CA ASP A 259 -3.00 10.85 -2.12
C ASP A 259 -3.49 9.66 -1.33
N LEU A 260 -4.81 9.55 -1.23
CA LEU A 260 -5.42 8.51 -0.42
C LEU A 260 -5.23 7.09 -0.92
N TYR A 261 -5.12 6.93 -2.25
CA TYR A 261 -5.16 5.61 -2.86
C TYR A 261 -4.00 4.70 -2.44
N PRO A 262 -2.74 5.17 -2.53
CA PRO A 262 -1.71 4.29 -1.97
C PRO A 262 -1.88 4.00 -0.45
N VAL A 263 -2.48 4.91 0.33
CA VAL A 263 -2.67 4.65 1.76
C VAL A 263 -3.74 3.58 1.99
N ILE A 264 -4.89 3.73 1.37
CA ILE A 264 -5.97 2.76 1.51
C ILE A 264 -5.61 1.40 0.92
N ARG A 265 -4.81 1.38 -0.14
CA ARG A 265 -4.44 0.13 -0.81
C ARG A 265 -3.44 -0.67 0.02
N ARG A 266 -2.60 0.01 0.76
CA ARG A 266 -1.75 -0.64 1.76
C ARG A 266 -2.60 -1.12 2.95
N THR A 267 -3.59 -0.33 3.36
CA THR A 267 -4.32 -0.59 4.61
C THR A 267 -5.28 -1.76 4.52
N ILE A 268 -6.06 -1.85 3.45
CA ILE A 268 -7.12 -2.86 3.36
C ILE A 268 -7.09 -3.73 2.11
N ASN A 269 -7.50 -4.98 2.29
CA ASN A 269 -7.74 -5.94 1.21
C ASN A 269 -9.10 -5.70 0.57
N LEU A 270 -9.13 -5.77 -0.75
CA LEU A 270 -10.35 -5.51 -1.48
C LEU A 270 -10.19 -6.00 -2.93
N PRO A 271 -11.29 -6.45 -3.54
CA PRO A 271 -11.23 -6.94 -4.93
C PRO A 271 -10.98 -5.85 -5.97
N THR A 272 -11.30 -4.61 -5.62
CA THR A 272 -11.58 -3.60 -6.62
C THR A 272 -10.81 -2.25 -6.46
N TYR A 273 -11.02 -1.58 -5.33
CA TYR A 273 -10.45 -0.23 -5.03
C TYR A 273 -11.01 0.94 -5.86
N THR A 274 -12.34 1.03 -5.97
CA THR A 274 -12.99 2.23 -6.50
C THR A 274 -13.22 3.16 -5.33
N LEU A 275 -13.50 4.42 -5.61
CA LEU A 275 -13.91 5.33 -4.54
C LEU A 275 -15.14 4.83 -3.78
N GLU A 276 -16.14 4.30 -4.49
CA GLU A 276 -17.37 3.88 -3.82
C GLU A 276 -17.23 2.56 -3.05
N ALA A 277 -16.29 1.71 -3.49
CA ALA A 277 -15.91 0.53 -2.71
C ALA A 277 -15.22 0.94 -1.40
N VAL A 278 -14.19 1.78 -1.52
CA VAL A 278 -13.39 2.23 -0.38
C VAL A 278 -14.27 2.92 0.67
N TYR A 279 -15.08 3.88 0.22
CA TYR A 279 -15.94 4.60 1.11
C TYR A 279 -16.83 3.67 1.88
N GLU A 280 -17.32 2.63 1.19
CA GLU A 280 -18.25 1.66 1.79
C GLU A 280 -17.57 0.81 2.85
N ALA A 281 -16.46 0.18 2.47
CA ALA A 281 -15.67 -0.66 3.35
C ALA A 281 -15.35 0.03 4.69
N ILE A 282 -15.01 1.32 4.62
CA ILE A 282 -14.55 2.10 5.77
C ILE A 282 -15.69 2.76 6.57
N PHE A 283 -16.70 3.25 5.87
CA PHE A 283 -17.73 4.05 6.51
C PHE A 283 -19.10 3.38 6.64
N GLY A 284 -19.30 2.26 5.94
CA GLY A 284 -20.59 1.56 5.99
C GLY A 284 -21.45 1.75 4.75
N GLN A 285 -22.05 2.93 4.60
CA GLN A 285 -22.95 3.25 3.46
C GLN A 285 -22.33 3.10 2.06
N PRO A 286 -23.17 2.86 1.04
CA PRO A 286 -22.61 2.88 -0.31
C PRO A 286 -22.60 4.28 -0.90
N LYS A 287 -21.92 4.42 -2.04
CA LYS A 287 -21.87 5.67 -2.77
C LYS A 287 -22.38 5.42 -4.18
N GLU A 288 -23.50 6.04 -4.51
CA GLU A 288 -24.14 5.83 -5.80
C GLU A 288 -23.22 6.32 -6.91
N LYS A 289 -22.56 5.38 -7.59
CA LYS A 289 -21.69 5.72 -8.72
C LYS A 289 -22.54 6.27 -9.88
N VAL A 290 -21.92 7.16 -10.64
CA VAL A 290 -22.49 7.68 -11.89
C VAL A 290 -21.41 7.52 -12.96
N TYR A 291 -21.68 6.68 -13.97
CA TYR A 291 -20.65 6.24 -14.92
C TYR A 291 -20.32 7.27 -15.99
N ALA A 292 -19.23 7.02 -16.74
CA ALA A 292 -18.72 7.92 -17.78
C ALA A 292 -19.66 8.11 -18.98
N GLU A 293 -20.13 7.00 -19.56
CA GLU A 293 -21.10 7.02 -20.66
C GLU A 293 -22.40 7.70 -20.22
N GLU A 294 -22.73 7.59 -18.94
CA GLU A 294 -23.90 8.19 -18.34
C GLU A 294 -23.69 9.69 -18.12
N ILE A 295 -22.41 10.09 -18.04
CA ILE A 295 -21.99 11.50 -17.85
C ILE A 295 -22.00 12.24 -19.18
N ALA A 296 -21.29 11.68 -20.17
CA ALA A 296 -21.22 12.24 -21.53
C ALA A 296 -22.63 12.51 -22.10
N GLN A 297 -23.56 11.62 -21.76
CA GLN A 297 -24.99 11.80 -22.01
C GLN A 297 -25.49 13.13 -21.46
N ALA A 298 -25.69 13.21 -20.14
CA ALA A 298 -26.24 14.40 -19.47
C ALA A 298 -25.64 15.75 -19.91
N TRP A 299 -24.41 15.70 -20.43
CA TRP A 299 -23.71 16.88 -20.91
C TRP A 299 -24.17 17.20 -22.32
N GLU A 300 -24.07 16.21 -23.21
CA GLU A 300 -24.47 16.33 -24.63
C GLU A 300 -25.99 16.47 -24.82
N THR A 301 -26.77 15.83 -23.93
CA THR A 301 -28.21 16.07 -23.85
C THR A 301 -28.47 17.42 -23.21
N GLY A 302 -27.99 17.58 -21.98
CA GLY A 302 -28.37 18.71 -21.13
C GLY A 302 -29.44 18.30 -20.13
N GLU A 303 -29.82 17.02 -20.15
CA GLU A 303 -30.82 16.48 -19.22
C GLU A 303 -30.17 15.58 -18.16
N GLY A 304 -30.65 15.69 -16.93
CA GLY A 304 -30.06 14.96 -15.79
C GLY A 304 -28.66 15.39 -15.38
N LEU A 305 -28.37 16.69 -15.50
CA LEU A 305 -27.12 17.27 -15.00
C LEU A 305 -27.11 17.45 -13.49
N GLU A 306 -28.30 17.61 -12.90
CA GLU A 306 -28.44 17.77 -11.46
C GLU A 306 -28.02 16.51 -10.69
N ARG A 307 -28.27 15.36 -11.29
CA ARG A 307 -27.69 14.11 -10.81
C ARG A 307 -26.16 14.21 -10.89
N VAL A 308 -25.61 14.37 -12.09
CA VAL A 308 -24.15 14.35 -12.31
C VAL A 308 -23.37 15.30 -11.38
N ALA A 309 -23.99 16.40 -10.97
CA ALA A 309 -23.34 17.33 -10.05
C ALA A 309 -23.33 16.81 -8.60
N ARG A 310 -24.39 16.12 -8.19
CA ARG A 310 -24.44 15.48 -6.87
C ARG A 310 -23.27 14.50 -6.74
N TYR A 311 -22.96 13.81 -7.83
CA TYR A 311 -21.86 12.85 -7.86
C TYR A 311 -20.51 13.54 -7.61
N SER A 312 -20.25 14.62 -8.34
CA SER A 312 -19.04 15.42 -8.14
C SER A 312 -18.94 16.04 -6.72
N MET A 313 -20.04 16.59 -6.18
CA MET A 313 -19.96 17.16 -4.81
C MET A 313 -19.70 16.10 -3.75
N GLU A 314 -20.15 14.87 -4.02
CA GLU A 314 -19.92 13.75 -3.12
C GLU A 314 -18.50 13.18 -3.25
N ASP A 315 -17.99 13.05 -4.48
CA ASP A 315 -16.57 12.68 -4.68
C ASP A 315 -15.68 13.53 -3.79
N ALA A 316 -15.99 14.81 -3.72
CA ALA A 316 -15.21 15.75 -2.94
C ALA A 316 -15.49 15.56 -1.47
N LYS A 317 -16.75 15.37 -1.11
CA LYS A 317 -17.15 15.30 0.30
C LYS A 317 -16.58 14.04 0.94
N VAL A 318 -16.76 12.96 0.22
CA VAL A 318 -16.22 11.65 0.54
C VAL A 318 -14.69 11.70 0.63
N THR A 319 -14.01 12.21 -0.42
CA THR A 319 -12.55 12.28 -0.39
C THR A 319 -12.06 13.02 0.86
N TYR A 320 -12.80 14.05 1.29
CA TYR A 320 -12.41 14.81 2.48
C TYR A 320 -12.51 13.93 3.71
N GLU A 321 -13.65 13.27 3.88
CA GLU A 321 -13.85 12.45 5.08
C GLU A 321 -12.84 11.31 5.19
N LEU A 322 -12.56 10.64 4.09
CA LEU A 322 -11.49 9.63 4.05
C LEU A 322 -10.14 10.23 4.46
N GLY A 323 -9.78 11.38 3.90
CA GLY A 323 -8.58 12.09 4.31
C GLY A 323 -8.49 12.29 5.81
N LYS A 324 -9.55 12.82 6.40
CA LYS A 324 -9.63 13.04 7.83
C LYS A 324 -9.49 11.76 8.66
N GLU A 325 -9.93 10.62 8.13
CA GLU A 325 -9.72 9.35 8.81
C GLU A 325 -8.28 8.87 8.71
N PHE A 326 -7.70 8.95 7.50
CA PHE A 326 -6.40 8.36 7.24
C PHE A 326 -5.19 9.26 7.56
N PHE A 327 -5.39 10.57 7.51
CA PHE A 327 -4.31 11.50 7.76
C PHE A 327 -3.64 11.26 9.11
N PRO A 328 -4.42 11.21 10.21
CA PRO A 328 -3.77 11.20 11.52
C PRO A 328 -2.87 10.01 11.75
N MET A 329 -3.13 8.92 11.04
CA MET A 329 -2.25 7.74 11.06
C MET A 329 -0.93 8.01 10.32
N GLU A 330 -1.01 8.56 9.12
CA GLU A 330 0.20 8.83 8.34
C GLU A 330 1.01 9.92 9.03
N ALA A 331 0.30 10.87 9.62
CA ALA A 331 0.94 11.86 10.47
C ALA A 331 1.73 11.21 11.62
N GLN A 332 1.17 10.17 12.25
CA GLN A 332 1.92 9.53 13.31
C GLN A 332 3.15 8.78 12.78
N LEU A 333 2.98 8.03 11.70
CA LEU A 333 4.10 7.37 11.07
C LEU A 333 5.22 8.37 10.64
N SER A 334 4.82 9.55 10.18
CA SER A 334 5.79 10.58 9.82
C SER A 334 6.62 11.01 11.01
N ARG A 335 5.97 11.28 12.16
CA ARG A 335 6.72 11.66 13.36
C ARG A 335 7.71 10.59 13.79
N LEU A 336 7.29 9.33 13.64
CA LEU A 336 7.97 8.21 14.23
C LEU A 336 9.21 7.92 13.40
N VAL A 337 9.06 8.01 12.08
CA VAL A 337 10.16 7.72 11.15
C VAL A 337 11.05 8.94 10.95
N GLY A 338 10.45 10.11 11.10
CA GLY A 338 11.17 11.37 10.96
C GLY A 338 11.34 11.82 9.53
N GLN A 339 10.34 11.55 8.69
CA GLN A 339 10.37 11.95 7.29
C GLN A 339 9.04 12.57 6.89
N SER A 340 9.02 13.30 5.78
CA SER A 340 7.83 14.03 5.35
C SER A 340 6.64 13.10 5.10
N LEU A 341 5.45 13.59 5.39
CA LEU A 341 4.23 12.80 5.22
C LEU A 341 4.01 12.53 3.75
N TRP A 342 4.65 13.31 2.90
CA TRP A 342 4.53 13.09 1.47
C TRP A 342 5.26 11.80 1.11
N ASP A 343 6.43 11.59 1.74
CA ASP A 343 7.18 10.33 1.58
C ASP A 343 6.52 9.19 2.32
N VAL A 344 6.31 9.37 3.62
CA VAL A 344 5.82 8.29 4.47
C VAL A 344 4.54 7.69 3.88
N SER A 345 3.56 8.51 3.53
CA SER A 345 2.27 8.00 3.03
C SER A 345 2.41 7.24 1.70
N ARG A 346 3.57 7.35 1.06
CA ARG A 346 3.79 6.66 -0.20
C ARG A 346 4.77 5.50 -0.06
N SER A 347 5.21 5.21 1.17
CA SER A 347 6.22 4.19 1.46
C SER A 347 5.62 2.83 1.74
N SER A 348 6.36 1.77 1.43
CA SER A 348 6.05 0.45 1.96
C SER A 348 6.59 0.41 3.40
N THR A 349 6.10 -0.54 4.19
CA THR A 349 6.54 -0.64 5.58
C THR A 349 7.99 -1.03 5.60
N GLY A 350 8.39 -1.84 4.63
CA GLY A 350 9.79 -2.23 4.53
C GLY A 350 10.59 -0.95 4.57
N ASN A 351 10.06 0.02 3.84
CA ASN A 351 10.72 1.27 3.66
C ASN A 351 10.64 2.26 4.82
N LEU A 352 9.61 2.15 5.65
CA LEU A 352 9.53 2.92 6.87
C LEU A 352 10.58 2.46 7.87
N VAL A 353 10.68 1.15 8.04
CA VAL A 353 11.68 0.57 8.91
C VAL A 353 13.05 1.12 8.50
N GLU A 354 13.35 1.06 7.20
CA GLU A 354 14.62 1.54 6.66
C GLU A 354 14.96 3.01 7.04
N TRP A 355 14.01 3.92 6.83
CA TRP A 355 14.20 5.32 7.20
C TRP A 355 14.28 5.53 8.70
N PHE A 356 13.43 4.83 9.43
CA PHE A 356 13.50 4.82 10.88
C PHE A 356 14.91 4.47 11.31
N LEU A 357 15.39 3.31 10.84
CA LEU A 357 16.73 2.81 11.17
C LEU A 357 17.82 3.81 10.79
N LEU A 358 17.69 4.38 9.58
CA LEU A 358 18.66 5.36 9.12
C LEU A 358 18.79 6.54 10.07
N ARG A 359 17.67 7.04 10.59
CA ARG A 359 17.72 8.09 11.58
C ARG A 359 18.40 7.64 12.87
N LYS A 360 17.99 6.48 13.38
CA LYS A 360 18.45 6.07 14.70
C LYS A 360 19.91 5.71 14.61
N ALA A 361 20.28 5.10 13.48
CA ALA A 361 21.66 4.82 13.14
C ALA A 361 22.51 6.06 13.38
N TYR A 362 22.06 7.21 12.88
CA TYR A 362 22.76 8.48 13.07
C TYR A 362 22.78 8.88 14.56
N GLU A 363 21.61 8.91 15.17
CA GLU A 363 21.50 9.21 16.60
C GLU A 363 22.58 8.51 17.43
N ARG A 364 23.01 7.34 16.97
CA ARG A 364 23.91 6.48 17.72
C ARG A 364 25.27 6.35 17.04
N ASN A 365 25.57 7.28 16.14
CA ASN A 365 26.88 7.33 15.48
C ASN A 365 27.18 5.95 14.88
N GLU A 366 26.24 5.45 14.12
CA GLU A 366 26.29 4.08 13.68
C GLU A 366 26.22 4.11 12.16
N LEU A 367 27.32 3.76 11.53
CA LEU A 367 27.41 3.73 10.07
C LEU A 367 26.43 2.71 9.52
N ALA A 368 25.69 3.12 8.49
CA ALA A 368 24.68 2.28 7.87
C ALA A 368 25.29 1.37 6.82
N PRO A 369 24.93 0.09 6.84
CA PRO A 369 25.14 -0.84 5.74
C PRO A 369 24.74 -0.21 4.42
N ASN A 370 25.27 -0.71 3.29
CA ASN A 370 24.80 -0.26 1.98
C ASN A 370 23.72 -1.18 1.47
N LYS A 371 23.02 -0.76 0.43
CA LYS A 371 22.03 -1.61 -0.20
C LYS A 371 22.74 -2.80 -0.82
N PRO A 372 22.00 -3.84 -1.18
CA PRO A 372 22.67 -4.93 -1.88
C PRO A 372 23.10 -4.55 -3.30
N ASP A 373 24.31 -4.94 -3.71
CA ASP A 373 24.65 -4.87 -5.13
C ASP A 373 23.81 -5.90 -5.90
N GLU A 374 23.93 -5.90 -7.21
CA GLU A 374 23.07 -6.70 -8.09
C GLU A 374 23.21 -8.23 -7.87
N ARG A 375 24.41 -8.69 -7.51
CA ARG A 375 24.62 -10.14 -7.27
C ARG A 375 24.30 -10.54 -5.83
N GLU A 376 24.77 -9.72 -4.89
CA GLU A 376 24.38 -9.84 -3.48
C GLU A 376 22.85 -9.82 -3.31
N LEU A 377 22.14 -9.05 -4.15
CA LEU A 377 20.69 -9.09 -4.17
C LEU A 377 20.23 -10.49 -4.53
N ALA A 378 20.50 -10.92 -5.77
CA ALA A 378 20.00 -12.21 -6.29
C ALA A 378 20.34 -13.42 -5.41
N ARG A 379 21.53 -13.37 -4.80
CA ARG A 379 21.95 -14.36 -3.80
C ARG A 379 20.92 -14.45 -2.65
N ARG A 380 20.48 -13.30 -2.13
CA ARG A 380 19.46 -13.25 -1.07
C ARG A 380 18.13 -13.78 -1.58
N ARG A 381 17.71 -13.28 -2.73
CA ARG A 381 16.39 -13.58 -3.27
C ARG A 381 16.17 -15.08 -3.47
N GLU A 382 17.24 -15.81 -3.75
CA GLU A 382 17.15 -17.26 -3.91
C GLU A 382 17.02 -17.98 -2.57
N SER A 383 17.41 -17.29 -1.50
CA SER A 383 17.48 -17.84 -0.15
C SER A 383 16.22 -17.47 0.63
N TYR A 384 15.07 -17.59 -0.01
CA TYR A 384 13.81 -17.17 0.61
C TYR A 384 13.05 -18.29 1.34
N ALA A 385 12.56 -17.98 2.55
CA ALA A 385 11.63 -18.85 3.27
C ALA A 385 10.50 -18.03 3.90
N GLY A 386 9.33 -18.65 4.04
CA GLY A 386 8.14 -17.99 4.58
C GLY A 386 8.00 -18.10 6.10
N GLY A 387 6.76 -18.17 6.56
CA GLY A 387 6.43 -18.18 7.99
C GLY A 387 5.66 -19.42 8.43
N TYR A 388 4.89 -19.27 9.50
CA TYR A 388 4.20 -20.41 10.11
C TYR A 388 3.06 -20.91 9.21
N VAL A 389 3.11 -22.21 8.89
CA VAL A 389 2.04 -22.91 8.17
C VAL A 389 1.35 -23.94 9.06
N LYS A 390 0.07 -24.19 8.78
CA LYS A 390 -0.72 -25.20 9.47
C LYS A 390 -1.92 -25.62 8.62
N GLU A 391 -2.20 -26.93 8.57
CA GLU A 391 -3.35 -27.41 7.83
C GLU A 391 -4.65 -27.03 8.53
N PRO A 392 -5.66 -26.62 7.76
CA PRO A 392 -6.98 -26.27 8.27
C PRO A 392 -7.99 -27.41 8.45
N GLU A 393 -8.95 -27.18 9.33
CA GLU A 393 -10.12 -28.02 9.47
C GLU A 393 -11.05 -27.81 8.30
N ARG A 394 -11.65 -28.89 7.79
CA ARG A 394 -12.71 -28.80 6.77
C ARG A 394 -13.98 -28.32 7.46
N GLY A 395 -15.00 -27.93 6.69
CA GLY A 395 -16.32 -27.71 7.25
C GLY A 395 -16.62 -26.30 7.67
N LEU A 396 -17.90 -26.03 7.97
CA LEU A 396 -18.38 -24.71 8.33
C LEU A 396 -18.60 -24.58 9.85
N TRP A 397 -17.80 -23.72 10.47
CA TRP A 397 -17.75 -23.59 11.91
C TRP A 397 -18.50 -22.36 12.37
N GLU A 398 -18.87 -22.30 13.65
CA GLU A 398 -19.62 -21.16 14.18
C GLU A 398 -18.91 -20.45 15.33
N ASN A 399 -19.28 -19.19 15.54
CA ASN A 399 -18.73 -18.34 16.60
C ASN A 399 -17.22 -18.45 16.72
N ILE A 400 -16.53 -17.85 15.76
CA ILE A 400 -15.09 -17.98 15.62
C ILE A 400 -14.38 -16.71 16.07
N VAL A 401 -13.34 -16.85 16.86
CA VAL A 401 -12.50 -15.70 17.21
C VAL A 401 -11.21 -15.72 16.41
N TYR A 402 -10.68 -14.53 16.17
CA TYR A 402 -9.43 -14.42 15.50
C TYR A 402 -8.41 -13.81 16.46
N LEU A 403 -7.23 -14.42 16.55
CA LEU A 403 -6.20 -13.89 17.41
C LEU A 403 -4.92 -13.63 16.64
N ASP A 404 -4.25 -12.53 16.97
CA ASP A 404 -3.19 -11.96 16.15
C ASP A 404 -1.80 -12.30 16.70
N PHE A 405 -0.93 -12.83 15.85
CA PHE A 405 0.44 -13.14 16.22
C PHE A 405 1.41 -12.02 15.95
N ARG A 406 0.99 -11.03 15.17
CA ARG A 406 2.00 -10.09 14.64
C ARG A 406 2.84 -9.44 15.72
N SER A 407 2.26 -9.25 16.90
CA SER A 407 3.01 -8.54 17.93
C SER A 407 4.03 -9.44 18.62
N LEU A 408 3.85 -10.76 18.51
CA LEU A 408 4.82 -11.71 19.02
C LEU A 408 6.22 -11.43 18.49
N TYR A 409 6.32 -11.19 17.19
CA TYR A 409 7.61 -11.12 16.55
C TYR A 409 8.55 -10.04 17.06
N PRO A 410 8.09 -8.78 17.17
CA PRO A 410 9.01 -7.81 17.73
C PRO A 410 9.35 -8.10 19.21
N SER A 411 8.40 -8.64 19.98
CA SER A 411 8.71 -9.12 21.32
C SER A 411 9.83 -10.19 21.32
N ILE A 412 9.69 -11.18 20.45
CA ILE A 412 10.76 -12.15 20.26
C ILE A 412 12.10 -11.47 19.96
N ILE A 413 12.11 -10.45 19.10
CA ILE A 413 13.37 -9.85 18.72
C ILE A 413 13.98 -9.20 19.93
N ILE A 414 13.14 -8.55 20.72
CA ILE A 414 13.58 -7.98 21.97
C ILE A 414 14.00 -9.07 22.93
N THR A 415 13.14 -10.06 23.15
CA THR A 415 13.37 -11.06 24.20
C THR A 415 14.58 -11.91 23.98
N HIS A 416 14.82 -12.35 22.75
CA HIS A 416 16.02 -13.14 22.46
C HIS A 416 17.11 -12.30 21.83
N ASN A 417 16.92 -10.99 21.84
CA ASN A 417 17.98 -10.09 21.42
C ASN A 417 18.48 -10.38 20.02
N VAL A 418 17.56 -10.54 19.08
CA VAL A 418 17.91 -10.95 17.74
C VAL A 418 18.35 -9.76 16.89
N SER A 419 19.64 -9.65 16.59
CA SER A 419 20.09 -8.66 15.62
C SER A 419 21.46 -8.97 15.06
N PRO A 420 21.75 -8.49 13.84
CA PRO A 420 23.02 -8.72 13.15
C PRO A 420 24.27 -8.43 13.97
N ASP A 421 24.22 -7.42 14.84
CA ASP A 421 25.35 -7.10 15.73
C ASP A 421 25.45 -8.00 16.97
N THR A 422 24.44 -8.85 17.21
CA THR A 422 24.54 -9.84 18.28
C THR A 422 24.65 -11.27 17.73
N LEU A 423 24.33 -11.44 16.45
CA LEU A 423 24.48 -12.74 15.80
C LEU A 423 25.89 -13.24 15.95
N ASN A 424 25.99 -14.51 16.33
CA ASN A 424 27.27 -15.25 16.45
C ASN A 424 28.47 -14.41 16.89
N ARG A 425 28.31 -13.65 17.98
CA ARG A 425 29.44 -12.89 18.50
C ARG A 425 30.28 -13.80 19.38
N GLU A 426 31.59 -13.78 19.15
CA GLU A 426 32.51 -14.62 19.93
C GLU A 426 32.72 -14.06 21.35
N GLY A 427 32.85 -14.96 22.32
CA GLY A 427 33.25 -14.60 23.67
C GLY A 427 32.23 -13.95 24.57
N CYS A 428 30.98 -14.42 24.53
CA CYS A 428 29.91 -13.89 25.40
C CYS A 428 29.60 -14.74 26.62
N GLU A 429 29.10 -14.06 27.65
CA GLU A 429 28.61 -14.67 28.90
C GLU A 429 27.40 -15.57 28.63
N GLU A 430 26.41 -15.05 27.90
CA GLU A 430 25.14 -15.74 27.68
C GLU A 430 24.70 -15.73 26.21
N TYR A 431 23.94 -16.74 25.84
CA TYR A 431 23.40 -16.85 24.50
C TYR A 431 21.96 -17.32 24.54
N ASP A 432 21.20 -16.89 23.54
CA ASP A 432 19.95 -17.52 23.21
C ASP A 432 20.20 -18.22 21.91
N VAL A 433 19.62 -19.39 21.77
CA VAL A 433 19.85 -20.22 20.60
C VAL A 433 18.52 -20.51 19.95
N ALA A 434 18.38 -20.16 18.68
CA ALA A 434 17.11 -20.36 18.01
C ALA A 434 16.78 -21.85 17.89
N PRO A 435 15.53 -22.21 18.18
CA PRO A 435 15.11 -23.59 18.01
C PRO A 435 15.32 -24.09 16.58
N GLN A 436 15.61 -25.39 16.45
CA GLN A 436 15.71 -26.07 15.16
C GLN A 436 16.86 -25.60 14.29
N VAL A 437 17.14 -24.31 14.28
CA VAL A 437 17.95 -23.76 13.21
C VAL A 437 19.27 -23.19 13.73
N GLY A 438 19.37 -23.05 15.05
CA GLY A 438 20.66 -22.98 15.71
C GLY A 438 21.43 -21.69 15.89
N HIS A 439 20.91 -20.57 15.39
CA HIS A 439 21.67 -19.33 15.47
C HIS A 439 21.84 -18.82 16.90
N LYS A 440 23.05 -18.42 17.26
CA LYS A 440 23.33 -17.96 18.61
C LYS A 440 23.23 -16.44 18.66
N PHE A 441 22.52 -15.90 19.65
CA PHE A 441 22.52 -14.45 19.86
C PHE A 441 23.11 -14.04 21.21
N CYS A 442 24.12 -13.19 21.15
CA CYS A 442 24.75 -12.67 22.33
C CYS A 442 23.71 -12.03 23.24
N LYS A 443 23.87 -12.14 24.55
CA LYS A 443 22.92 -11.48 25.44
C LYS A 443 23.56 -10.50 26.40
N ASP A 444 24.83 -10.20 26.18
CA ASP A 444 25.57 -9.35 27.12
C ASP A 444 25.14 -7.89 27.12
N PHE A 445 24.95 -7.33 25.92
CA PHE A 445 24.47 -5.95 25.72
C PHE A 445 23.22 -6.01 24.85
N PRO A 446 22.32 -5.03 24.99
CA PRO A 446 21.22 -5.03 24.00
C PRO A 446 21.74 -4.72 22.59
N GLY A 447 21.27 -5.47 21.59
CA GLY A 447 21.61 -5.17 20.21
C GLY A 447 20.86 -3.97 19.65
N PHE A 448 21.35 -3.45 18.54
CA PHE A 448 20.79 -2.27 17.88
C PHE A 448 19.25 -2.31 17.72
N ILE A 449 18.77 -3.28 16.96
CA ILE A 449 17.35 -3.36 16.63
C ILE A 449 16.47 -3.79 17.83
N PRO A 450 16.91 -4.78 18.64
CA PRO A 450 16.11 -5.06 19.85
C PRO A 450 15.97 -3.83 20.77
N SER A 451 17.09 -3.13 20.98
CA SER A 451 17.15 -1.85 21.65
C SER A 451 16.03 -0.86 21.25
N LEU A 452 15.85 -0.62 19.96
CA LEU A 452 14.87 0.36 19.47
C LEU A 452 13.43 -0.16 19.54
N LEU A 453 13.26 -1.46 19.34
CA LEU A 453 11.94 -2.05 19.47
C LEU A 453 11.49 -1.97 20.91
N GLY A 454 12.39 -2.29 21.84
CA GLY A 454 12.15 -2.07 23.27
C GLY A 454 11.59 -0.68 23.55
N ASP A 455 12.18 0.34 22.93
CA ASP A 455 11.64 1.67 23.10
C ASP A 455 10.27 1.85 22.45
N LEU A 456 10.09 1.34 21.23
CA LEU A 456 8.76 1.50 20.63
C LEU A 456 7.66 0.82 21.43
N LEU A 457 7.93 -0.37 21.93
CA LEU A 457 6.89 -1.10 22.62
C LEU A 457 6.58 -0.47 23.96
N GLU A 458 7.61 -0.01 24.67
CA GLU A 458 7.43 0.72 25.91
C GLU A 458 6.51 1.93 25.67
N GLU A 459 6.89 2.75 24.69
CA GLU A 459 6.08 3.87 24.24
C GLU A 459 4.63 3.43 23.95
N ARG A 460 4.42 2.33 23.23
CA ARG A 460 3.05 1.89 22.96
C ARG A 460 2.26 1.63 24.25
N GLN A 461 2.93 1.01 25.22
CA GLN A 461 2.33 0.61 26.49
C GLN A 461 1.93 1.85 27.27
N LYS A 462 2.80 2.86 27.20
CA LYS A 462 2.57 4.13 27.85
C LYS A 462 1.31 4.80 27.29
N VAL A 463 1.18 4.74 25.96
CA VAL A 463 0.06 5.38 25.27
C VAL A 463 -1.22 4.64 25.62
N LYS A 464 -1.17 3.31 25.55
CA LYS A 464 -2.33 2.48 25.80
C LYS A 464 -2.92 2.67 27.17
N LYS A 465 -2.07 3.01 28.15
CA LYS A 465 -2.51 3.27 29.52
C LYS A 465 -3.13 4.66 29.60
N LYS A 466 -2.48 5.63 28.97
CA LYS A 466 -3.03 6.97 28.87
C LYS A 466 -4.44 6.95 28.26
N MET A 467 -4.70 6.06 27.30
CA MET A 467 -6.04 5.90 26.73
C MET A 467 -7.05 5.45 27.79
N LYS A 468 -6.57 4.76 28.82
CA LYS A 468 -7.47 4.27 29.84
C LYS A 468 -7.78 5.35 30.85
N ALA A 469 -6.89 6.31 30.99
CA ALA A 469 -7.15 7.45 31.84
C ALA A 469 -7.87 8.62 31.16
N THR A 470 -8.56 8.36 30.05
CA THR A 470 -9.27 9.44 29.37
C THR A 470 -10.65 9.01 28.93
N ILE A 471 -11.66 9.84 29.20
CA ILE A 471 -13.04 9.53 28.79
C ILE A 471 -13.43 10.30 27.50
N ASP A 472 -12.77 11.44 27.27
CA ASP A 472 -12.96 12.26 26.07
C ASP A 472 -12.64 11.48 24.77
N PRO A 473 -13.66 11.18 23.95
CA PRO A 473 -13.41 10.24 22.84
C PRO A 473 -12.57 10.87 21.74
N ILE A 474 -12.50 12.20 21.72
CA ILE A 474 -11.67 12.90 20.76
C ILE A 474 -10.18 12.68 21.14
N GLU A 475 -9.86 12.89 22.41
CA GLU A 475 -8.48 12.69 22.83
C GLU A 475 -8.12 11.23 22.84
N LYS A 476 -9.12 10.40 23.15
CA LYS A 476 -8.94 8.97 23.12
C LYS A 476 -8.62 8.52 21.70
N LYS A 477 -9.34 9.03 20.71
CA LYS A 477 -9.08 8.64 19.30
C LYS A 477 -7.68 9.05 18.86
N LEU A 478 -7.23 10.18 19.36
CA LEU A 478 -6.00 10.76 18.92
C LEU A 478 -4.83 9.93 19.43
N LEU A 479 -4.92 9.53 20.69
CA LEU A 479 -3.96 8.64 21.30
C LEU A 479 -3.98 7.27 20.61
N ASP A 480 -5.19 6.80 20.26
CA ASP A 480 -5.35 5.53 19.57
C ASP A 480 -4.56 5.50 18.27
N TYR A 481 -4.52 6.62 17.55
CA TYR A 481 -3.68 6.74 16.35
C TYR A 481 -2.21 6.42 16.63
N ARG A 482 -1.64 7.08 17.65
CA ARG A 482 -0.25 6.90 18.07
C ARG A 482 0.05 5.43 18.42
N GLN A 483 -0.87 4.83 19.15
CA GLN A 483 -0.78 3.46 19.60
C GLN A 483 -0.75 2.45 18.44
N ARG A 484 -1.51 2.73 17.38
CA ARG A 484 -1.65 1.80 16.27
C ARG A 484 -0.48 1.99 15.28
N ALA A 485 -0.05 3.24 15.14
CA ALA A 485 1.09 3.54 14.31
C ALA A 485 2.30 2.73 14.83
N ILE A 486 2.55 2.80 16.14
CA ILE A 486 3.67 2.06 16.71
C ILE A 486 3.50 0.56 16.41
N LYS A 487 2.30 0.03 16.59
CA LYS A 487 2.10 -1.37 16.27
C LYS A 487 2.48 -1.63 14.80
N ILE A 488 1.92 -0.86 13.87
CA ILE A 488 2.31 -0.95 12.46
C ILE A 488 3.84 -0.93 12.26
N LEU A 489 4.52 0.06 12.84
CA LEU A 489 5.95 0.21 12.64
C LEU A 489 6.70 -0.98 13.21
N ALA A 490 6.44 -1.30 14.49
CA ALA A 490 7.14 -2.39 15.20
C ALA A 490 6.97 -3.70 14.46
N ASN A 491 5.73 -3.96 14.05
CA ASN A 491 5.41 -5.18 13.36
C ASN A 491 5.94 -5.27 11.95
N SER A 492 6.66 -4.28 11.48
CA SER A 492 7.25 -4.41 10.16
C SER A 492 8.68 -4.93 10.18
N PHE A 493 9.22 -5.19 11.37
CA PHE A 493 10.63 -5.54 11.46
C PHE A 493 10.88 -6.98 11.05
N TYR A 494 9.91 -7.84 11.30
CA TYR A 494 10.06 -9.24 10.97
C TYR A 494 10.25 -9.43 9.46
N GLY A 495 9.34 -8.90 8.64
CA GLY A 495 9.42 -8.98 7.19
C GLY A 495 10.65 -8.25 6.72
N TYR A 496 10.94 -7.11 7.33
CA TYR A 496 12.12 -6.36 6.97
C TYR A 496 13.43 -7.15 7.08
N TYR A 497 13.57 -7.99 8.10
CA TYR A 497 14.84 -8.66 8.33
C TYR A 497 15.25 -9.54 7.15
N GLY A 498 14.29 -10.27 6.59
CA GLY A 498 14.49 -11.08 5.39
C GLY A 498 13.98 -10.39 4.12
N TYR A 499 14.13 -9.07 4.06
CA TYR A 499 13.72 -8.30 2.89
C TYR A 499 14.92 -8.05 2.02
N ALA A 500 14.97 -8.74 0.88
CA ALA A 500 16.15 -8.77 0.02
C ALA A 500 16.82 -7.40 -0.23
N LYS A 501 16.04 -6.34 -0.47
CA LYS A 501 16.59 -4.99 -0.73
C LYS A 501 17.06 -4.25 0.53
N ALA A 502 16.89 -4.86 1.71
CA ALA A 502 17.10 -4.17 2.98
C ALA A 502 18.56 -3.93 3.31
N ARG A 503 18.85 -2.78 3.88
CA ARG A 503 20.23 -2.50 4.29
C ARG A 503 20.63 -3.39 5.44
N TRP A 504 19.81 -3.43 6.49
CA TRP A 504 20.11 -4.24 7.67
C TRP A 504 19.50 -5.64 7.53
N TYR A 505 19.55 -6.18 6.31
CA TYR A 505 19.14 -7.56 6.03
C TYR A 505 19.99 -8.52 6.85
N CYS A 506 19.38 -9.65 7.17
CA CYS A 506 20.04 -10.70 7.92
C CYS A 506 19.18 -11.94 7.86
N LYS A 507 19.62 -12.91 7.06
CA LYS A 507 18.84 -14.14 6.92
C LYS A 507 18.72 -14.85 8.28
N GLU A 508 19.83 -14.91 9.01
CA GLU A 508 19.87 -15.60 10.31
C GLU A 508 18.83 -15.03 11.28
N CYS A 509 18.73 -13.69 11.35
CA CYS A 509 17.70 -13.07 12.16
C CYS A 509 16.27 -13.48 11.75
N ALA A 510 15.98 -13.50 10.44
CA ALA A 510 14.62 -13.83 9.97
C ALA A 510 14.22 -15.27 10.31
N GLU A 511 15.08 -16.22 9.93
CA GLU A 511 14.93 -17.63 10.30
C GLU A 511 14.76 -17.79 11.81
N SER A 512 15.65 -17.15 12.56
CA SER A 512 15.61 -17.17 14.02
C SER A 512 14.27 -16.67 14.56
N VAL A 513 13.76 -15.57 14.01
CA VAL A 513 12.49 -15.06 14.44
C VAL A 513 11.40 -16.05 14.02
N THR A 514 11.57 -16.70 12.87
CA THR A 514 10.56 -17.66 12.42
C THR A 514 10.50 -18.88 13.35
N ALA A 515 11.69 -19.32 13.81
CA ALA A 515 11.76 -20.51 14.65
C ALA A 515 11.18 -20.21 16.01
N TRP A 516 11.70 -19.20 16.69
CA TRP A 516 11.11 -18.84 17.95
C TRP A 516 9.58 -18.65 17.83
N GLY A 517 9.15 -18.13 16.67
CA GLY A 517 7.74 -17.94 16.40
C GLY A 517 6.98 -19.25 16.42
N ARG A 518 7.48 -20.22 15.63
CA ARG A 518 6.90 -21.57 15.53
C ARG A 518 6.68 -22.14 16.94
N GLN A 519 7.72 -22.01 17.77
CA GLN A 519 7.65 -22.47 19.14
C GLN A 519 6.54 -21.81 19.97
N TYR A 520 6.50 -20.48 20.00
CA TYR A 520 5.53 -19.78 20.82
C TYR A 520 4.11 -19.93 20.28
N ILE A 521 4.01 -19.98 18.94
CA ILE A 521 2.72 -20.20 18.30
C ILE A 521 2.24 -21.60 18.68
N GLU A 522 3.14 -22.58 18.52
CA GLU A 522 2.79 -23.95 18.86
C GLU A 522 2.35 -24.09 20.30
N THR A 523 3.04 -23.41 21.21
CA THR A 523 2.67 -23.39 22.61
C THR A 523 1.26 -22.84 22.79
N THR A 524 1.02 -21.65 22.24
CA THR A 524 -0.29 -21.02 22.33
C THR A 524 -1.39 -21.98 21.86
N ILE A 525 -1.17 -22.59 20.70
CA ILE A 525 -2.14 -23.53 20.14
C ILE A 525 -2.42 -24.68 21.12
N ARG A 526 -1.36 -25.32 21.60
CA ARG A 526 -1.48 -26.40 22.58
C ARG A 526 -2.23 -25.96 23.83
N GLU A 527 -2.02 -24.72 24.24
CA GLU A 527 -2.63 -24.23 25.45
C GLU A 527 -4.13 -24.02 25.29
N ILE A 528 -4.51 -23.35 24.21
CA ILE A 528 -5.92 -23.03 23.97
C ILE A 528 -6.76 -24.29 23.71
N GLU A 529 -6.11 -25.30 23.14
CA GLU A 529 -6.77 -26.57 22.88
C GLU A 529 -6.93 -27.36 24.18
N GLU A 530 -5.80 -27.83 24.72
CA GLU A 530 -5.78 -28.58 25.97
C GLU A 530 -6.48 -27.87 27.13
N LYS A 531 -6.10 -26.63 27.42
CA LYS A 531 -6.61 -25.97 28.62
C LYS A 531 -7.89 -25.17 28.45
N PHE A 532 -8.32 -24.92 27.22
CA PHE A 532 -9.57 -24.18 27.10
C PHE A 532 -10.62 -24.80 26.19
N GLY A 533 -10.29 -25.95 25.61
CA GLY A 533 -11.21 -26.65 24.72
C GLY A 533 -11.55 -25.93 23.41
N PHE A 534 -10.66 -25.05 22.94
CA PHE A 534 -10.85 -24.45 21.63
C PHE A 534 -10.37 -25.43 20.56
N LYS A 535 -10.95 -25.36 19.37
CA LYS A 535 -10.40 -26.08 18.23
C LYS A 535 -9.82 -25.00 17.34
N VAL A 536 -8.59 -25.20 16.87
CA VAL A 536 -7.95 -24.19 16.02
C VAL A 536 -8.21 -24.49 14.55
N LEU A 537 -8.96 -23.60 13.91
CA LEU A 537 -9.50 -23.86 12.59
C LEU A 537 -8.49 -23.58 11.48
N TYR A 538 -7.69 -22.54 11.67
CA TYR A 538 -6.76 -22.09 10.65
C TYR A 538 -5.69 -21.32 11.40
N ALA A 539 -4.44 -21.45 10.99
CA ALA A 539 -3.38 -20.62 11.55
C ALA A 539 -2.26 -20.42 10.58
N ASP A 540 -2.00 -19.15 10.25
CA ASP A 540 -0.84 -18.81 9.43
C ASP A 540 0.14 -17.95 10.21
N THR A 541 1.04 -17.31 9.48
CA THR A 541 2.06 -16.44 10.05
C THR A 541 1.51 -15.31 10.92
N ASP A 542 0.31 -14.82 10.66
CA ASP A 542 -0.09 -13.69 11.51
C ASP A 542 -1.23 -13.87 12.48
N GLY A 543 -1.78 -15.07 12.56
CA GLY A 543 -2.85 -15.30 13.50
C GLY A 543 -3.47 -16.65 13.27
N PHE A 544 -4.47 -16.96 14.11
CA PHE A 544 -5.23 -18.16 14.00
C PHE A 544 -6.68 -17.87 14.32
N PHE A 545 -7.57 -18.72 13.81
CA PHE A 545 -8.99 -18.61 14.07
C PHE A 545 -9.25 -19.82 14.94
N ALA A 546 -10.20 -19.74 15.86
CA ALA A 546 -10.55 -20.87 16.71
C ALA A 546 -11.97 -20.72 17.23
N THR A 547 -12.55 -21.83 17.66
CA THR A 547 -13.84 -21.82 18.32
C THR A 547 -13.89 -22.94 19.34
N ILE A 548 -14.91 -22.89 20.21
CA ILE A 548 -15.33 -24.04 21.02
C ILE A 548 -16.45 -24.78 20.26
N PRO A 549 -16.15 -26.01 19.73
CA PRO A 549 -17.19 -26.87 19.20
C PRO A 549 -18.49 -26.76 19.99
N GLY A 550 -19.57 -26.42 19.33
CA GLY A 550 -20.86 -26.41 19.98
C GLY A 550 -21.19 -25.27 20.92
N ALA A 551 -20.23 -24.43 21.29
CA ALA A 551 -20.56 -23.34 22.21
C ALA A 551 -21.27 -22.18 21.52
N ASP A 552 -21.86 -21.29 22.30
CA ASP A 552 -22.52 -20.13 21.71
C ASP A 552 -21.65 -18.86 21.79
N ALA A 553 -22.09 -17.80 21.11
CA ALA A 553 -21.28 -16.61 20.95
C ALA A 553 -20.80 -15.98 22.28
N GLU A 554 -21.71 -15.75 23.23
CA GLU A 554 -21.32 -15.15 24.53
C GLU A 554 -20.26 -15.99 25.21
N THR A 555 -20.50 -17.31 25.30
CA THR A 555 -19.53 -18.26 25.86
C THR A 555 -18.16 -18.10 25.21
N VAL A 556 -18.08 -18.36 23.90
CA VAL A 556 -16.81 -18.34 23.17
C VAL A 556 -16.03 -17.07 23.46
N LYS A 557 -16.72 -15.93 23.42
CA LYS A 557 -16.08 -14.64 23.64
C LYS A 557 -15.50 -14.50 25.06
N LYS A 558 -16.32 -14.80 26.07
CA LYS A 558 -15.89 -14.83 27.46
C LYS A 558 -14.66 -15.72 27.59
N LYS A 559 -14.75 -16.93 27.06
CA LYS A 559 -13.68 -17.91 27.14
C LYS A 559 -12.43 -17.46 26.38
N ALA A 560 -12.60 -16.76 25.26
CA ALA A 560 -11.47 -16.29 24.48
C ALA A 560 -10.68 -15.25 25.27
N LYS A 561 -11.40 -14.33 25.91
CA LYS A 561 -10.76 -13.27 26.72
C LYS A 561 -10.01 -13.88 27.89
N GLU A 562 -10.63 -14.84 28.56
CA GLU A 562 -9.94 -15.55 29.65
C GLU A 562 -8.64 -16.15 29.18
N PHE A 563 -8.65 -16.72 27.98
CA PHE A 563 -7.43 -17.32 27.45
C PHE A 563 -6.36 -16.27 27.14
N LEU A 564 -6.80 -15.09 26.74
CA LEU A 564 -5.87 -14.01 26.45
C LEU A 564 -5.06 -13.62 27.65
N ASP A 565 -5.73 -13.50 28.81
CA ASP A 565 -5.03 -13.21 30.05
C ASP A 565 -4.09 -14.33 30.42
N TYR A 566 -4.60 -15.56 30.35
CA TYR A 566 -3.79 -16.68 30.72
C TYR A 566 -2.53 -16.71 29.85
N ILE A 567 -2.68 -16.73 28.52
CA ILE A 567 -1.53 -16.91 27.66
C ILE A 567 -0.60 -15.69 27.66
N ASN A 568 -1.19 -14.50 27.78
CA ASN A 568 -0.39 -13.28 27.84
C ASN A 568 0.46 -13.21 29.10
N ALA A 569 -0.09 -13.70 30.22
CA ALA A 569 0.66 -13.79 31.46
C ALA A 569 1.70 -14.92 31.46
N LYS A 570 1.37 -16.05 30.83
CA LYS A 570 2.24 -17.21 30.80
C LYS A 570 3.41 -17.13 29.84
N LEU A 571 3.20 -16.58 28.65
CA LEU A 571 4.26 -16.51 27.66
C LEU A 571 5.38 -15.63 28.21
N PRO A 572 6.66 -15.99 27.95
CA PRO A 572 7.81 -15.26 28.53
C PRO A 572 7.85 -13.78 28.20
N GLY A 573 8.19 -12.96 29.22
CA GLY A 573 8.55 -11.56 29.01
C GLY A 573 7.48 -10.74 28.31
N LEU A 574 7.87 -10.07 27.24
CA LEU A 574 6.97 -9.12 26.59
C LEU A 574 6.04 -9.67 25.53
N LEU A 575 6.05 -10.99 25.34
CA LEU A 575 5.28 -11.64 24.28
C LEU A 575 3.79 -11.70 24.58
N GLU A 576 2.99 -11.31 23.59
CA GLU A 576 1.58 -11.12 23.83
C GLU A 576 0.80 -11.34 22.58
N LEU A 577 -0.26 -12.15 22.66
CA LEU A 577 -1.27 -12.23 21.62
C LEU A 577 -2.23 -11.04 21.72
N GLU A 578 -3.03 -10.82 20.69
CA GLU A 578 -4.03 -9.75 20.67
C GLU A 578 -5.32 -10.26 20.05
N TYR A 579 -6.45 -9.75 20.52
CA TYR A 579 -7.74 -10.21 20.08
C TYR A 579 -8.20 -9.34 18.92
N GLU A 580 -8.08 -9.82 17.68
CA GLU A 580 -8.36 -9.00 16.51
C GLU A 580 -9.69 -9.25 15.83
N GLY A 581 -10.69 -9.75 16.56
CA GLY A 581 -12.05 -9.92 15.98
C GLY A 581 -12.81 -11.23 16.16
N PHE A 582 -14.13 -11.19 15.92
CA PHE A 582 -15.04 -12.33 16.05
C PHE A 582 -15.94 -12.49 14.82
N TYR A 583 -16.24 -13.74 14.43
CA TYR A 583 -17.00 -14.02 13.22
C TYR A 583 -18.10 -15.06 13.43
N LYS A 584 -19.30 -14.80 12.90
CA LYS A 584 -20.49 -15.65 13.07
C LYS A 584 -20.26 -17.07 12.56
N ARG A 585 -19.82 -17.18 11.32
CA ARG A 585 -19.33 -18.46 10.85
C ARG A 585 -18.26 -18.25 9.81
N GLY A 586 -17.64 -19.35 9.38
CA GLY A 586 -16.53 -19.25 8.45
C GLY A 586 -16.06 -20.62 8.07
N PHE A 587 -15.28 -20.72 7.00
CA PHE A 587 -14.70 -21.97 6.58
C PHE A 587 -13.34 -21.72 5.95
N PHE A 588 -12.50 -22.75 5.90
CA PHE A 588 -11.09 -22.54 5.69
C PHE A 588 -10.60 -23.58 4.71
N VAL A 589 -10.21 -23.13 3.53
CA VAL A 589 -9.98 -24.02 2.39
C VAL A 589 -8.59 -24.64 2.33
N THR A 590 -7.53 -23.84 2.41
CA THR A 590 -6.16 -24.39 2.45
C THR A 590 -5.30 -23.57 3.39
N LYS A 591 -4.01 -23.89 3.44
CA LYS A 591 -3.00 -23.12 4.18
C LYS A 591 -3.22 -21.60 4.12
N LYS A 592 -3.78 -21.11 3.02
CA LYS A 592 -3.73 -19.68 2.69
C LYS A 592 -5.08 -19.03 2.39
N LYS A 593 -6.14 -19.83 2.30
CA LYS A 593 -7.44 -19.35 1.77
C LYS A 593 -8.60 -19.71 2.66
N TYR A 594 -9.53 -18.77 2.83
CA TYR A 594 -10.71 -18.93 3.70
C TYR A 594 -11.78 -17.86 3.45
N ALA A 595 -12.93 -18.01 4.10
CA ALA A 595 -14.00 -17.03 4.07
C ALA A 595 -14.72 -17.03 5.41
N VAL A 596 -15.02 -15.84 5.90
CA VAL A 596 -15.63 -15.63 7.21
C VAL A 596 -16.64 -14.51 7.08
N ILE A 597 -17.65 -14.51 7.94
CA ILE A 597 -18.68 -13.48 7.94
C ILE A 597 -18.91 -12.97 9.37
N ASP A 598 -19.02 -11.66 9.54
CA ASP A 598 -19.09 -11.10 10.88
C ASP A 598 -20.51 -10.93 11.37
N GLU A 599 -20.68 -10.23 12.48
CA GLU A 599 -22.00 -10.11 13.11
C GLU A 599 -22.87 -9.02 12.49
N GLU A 600 -22.35 -8.39 11.44
CA GLU A 600 -23.13 -7.40 10.72
C GLU A 600 -23.35 -7.90 9.29
N ASP A 601 -22.87 -9.13 9.04
CA ASP A 601 -23.03 -9.84 7.75
C ASP A 601 -22.05 -9.50 6.64
N LYS A 602 -21.00 -8.74 6.95
CA LYS A 602 -19.96 -8.45 5.96
C LYS A 602 -19.07 -9.68 5.75
N ILE A 603 -19.23 -10.31 4.60
CA ILE A 603 -18.33 -11.38 4.20
C ILE A 603 -16.93 -10.81 3.94
N THR A 604 -15.90 -11.61 4.24
CA THR A 604 -14.50 -11.29 4.01
C THR A 604 -13.89 -12.55 3.45
N THR A 605 -13.10 -12.45 2.38
CA THR A 605 -12.45 -13.65 1.81
C THR A 605 -10.94 -13.49 1.73
N ARG A 606 -10.23 -14.57 1.40
CA ARG A 606 -8.79 -14.52 1.13
C ARG A 606 -8.44 -15.65 0.19
N GLY A 607 -7.87 -15.29 -0.96
CA GLY A 607 -7.41 -16.26 -1.95
C GLY A 607 -8.52 -17.02 -2.65
N LEU A 608 -9.72 -16.46 -2.63
CA LEU A 608 -10.89 -17.14 -3.19
C LEU A 608 -11.57 -16.34 -4.29
N GLU A 609 -11.56 -15.02 -4.15
CA GLU A 609 -12.11 -14.10 -5.15
C GLU A 609 -11.63 -14.45 -6.57
N ILE A 610 -12.50 -14.28 -7.57
CA ILE A 610 -12.03 -14.33 -8.98
C ILE A 610 -11.06 -13.16 -9.19
N VAL A 611 -9.89 -13.45 -9.74
CA VAL A 611 -8.90 -12.38 -9.88
C VAL A 611 -8.44 -12.15 -11.32
N ARG A 612 -8.79 -13.08 -12.20
CA ARG A 612 -8.41 -13.06 -13.61
C ARG A 612 -8.94 -11.83 -14.33
N ARG A 613 -8.20 -11.39 -15.36
CA ARG A 613 -8.59 -10.24 -16.17
C ARG A 613 -9.82 -10.50 -17.01
N ASP A 614 -9.90 -11.69 -17.60
CA ASP A 614 -10.95 -12.08 -18.53
C ASP A 614 -12.12 -12.75 -17.82
N TRP A 615 -12.71 -12.06 -16.86
CA TRP A 615 -13.78 -12.68 -16.08
C TRP A 615 -15.14 -12.50 -16.77
N SER A 616 -16.20 -13.08 -16.23
CA SER A 616 -17.55 -12.89 -16.73
C SER A 616 -18.54 -12.81 -15.58
N GLU A 617 -19.53 -11.93 -15.71
CA GLU A 617 -20.60 -11.76 -14.76
C GLU A 617 -21.07 -13.12 -14.23
N ILE A 618 -21.34 -14.07 -15.14
CA ILE A 618 -21.90 -15.36 -14.72
C ILE A 618 -20.97 -16.05 -13.71
N ALA A 619 -19.68 -16.09 -14.01
CA ALA A 619 -18.70 -16.57 -13.05
C ALA A 619 -18.77 -15.82 -11.73
N LYS A 620 -18.70 -14.49 -11.77
CA LYS A 620 -18.71 -13.69 -10.55
C LYS A 620 -20.04 -13.81 -9.81
N GLU A 621 -21.14 -13.78 -10.55
CA GLU A 621 -22.46 -13.81 -9.94
C GLU A 621 -22.66 -15.09 -9.13
N THR A 622 -22.13 -16.20 -9.66
CA THR A 622 -22.42 -17.51 -9.09
C THR A 622 -21.60 -17.71 -7.81
N GLN A 623 -20.34 -17.29 -7.84
CA GLN A 623 -19.49 -17.39 -6.65
C GLN A 623 -20.11 -16.58 -5.53
N ALA A 624 -20.44 -15.33 -5.81
CA ALA A 624 -21.11 -14.46 -4.88
C ALA A 624 -22.32 -15.15 -4.24
N ARG A 625 -23.10 -15.83 -5.06
CA ARG A 625 -24.33 -16.44 -4.61
C ARG A 625 -24.05 -17.63 -3.69
N VAL A 626 -23.04 -18.42 -4.07
CA VAL A 626 -22.54 -19.54 -3.27
C VAL A 626 -22.10 -19.12 -1.85
N LEU A 627 -21.23 -18.11 -1.77
CA LEU A 627 -20.68 -17.60 -0.50
C LEU A 627 -21.79 -17.12 0.40
N GLU A 628 -22.72 -16.36 -0.15
CA GLU A 628 -23.89 -15.90 0.59
C GLU A 628 -24.68 -17.09 1.14
N ALA A 629 -24.78 -18.15 0.32
CA ALA A 629 -25.56 -19.32 0.69
C ALA A 629 -24.92 -19.99 1.89
N ILE A 630 -23.61 -20.21 1.76
CA ILE A 630 -22.79 -20.82 2.81
C ILE A 630 -22.68 -19.94 4.06
N LEU A 631 -22.21 -18.71 3.90
CA LEU A 631 -21.86 -17.89 5.06
C LEU A 631 -23.03 -17.21 5.74
N LYS A 632 -23.97 -16.70 4.94
CA LYS A 632 -25.08 -15.92 5.49
C LYS A 632 -26.24 -16.82 5.96
N HIS A 633 -26.53 -17.88 5.22
CA HIS A 633 -27.63 -18.78 5.58
C HIS A 633 -27.16 -20.15 6.04
N GLY A 634 -25.84 -20.32 6.10
CA GLY A 634 -25.25 -21.58 6.56
C GLY A 634 -25.89 -22.77 5.88
N ASP A 635 -25.83 -22.82 4.56
CA ASP A 635 -26.59 -23.83 3.82
C ASP A 635 -25.85 -24.31 2.58
N VAL A 636 -24.95 -25.26 2.78
CA VAL A 636 -24.06 -25.73 1.72
C VAL A 636 -24.79 -26.38 0.55
N GLU A 637 -25.90 -27.04 0.85
CA GLU A 637 -26.66 -27.74 -0.18
C GLU A 637 -27.33 -26.79 -1.16
N GLU A 638 -27.84 -25.67 -0.64
CA GLU A 638 -28.31 -24.58 -1.50
C GLU A 638 -27.22 -24.09 -2.45
N ALA A 639 -26.02 -23.90 -1.92
CA ALA A 639 -24.91 -23.45 -2.73
C ALA A 639 -24.62 -24.45 -3.86
N VAL A 640 -24.86 -25.72 -3.58
CA VAL A 640 -24.72 -26.76 -4.59
C VAL A 640 -25.88 -26.77 -5.58
N ARG A 641 -27.10 -26.54 -5.09
CA ARG A 641 -28.27 -26.42 -5.95
C ARG A 641 -28.02 -25.30 -6.96
N ILE A 642 -27.57 -24.16 -6.45
CA ILE A 642 -27.28 -22.98 -7.26
C ILE A 642 -26.24 -23.23 -8.36
N VAL A 643 -25.14 -23.88 -8.02
CA VAL A 643 -24.11 -24.12 -9.00
C VAL A 643 -24.63 -25.03 -10.10
N LYS A 644 -25.37 -26.07 -9.69
CA LYS A 644 -25.92 -27.05 -10.62
C LYS A 644 -26.88 -26.37 -11.59
N GLU A 645 -27.77 -25.57 -11.03
CA GLU A 645 -28.79 -24.87 -11.80
C GLU A 645 -28.13 -23.97 -12.85
N VAL A 646 -27.06 -23.30 -12.45
CA VAL A 646 -26.33 -22.46 -13.39
C VAL A 646 -25.67 -23.28 -14.50
N THR A 647 -25.12 -24.45 -14.19
CA THR A 647 -24.48 -25.26 -15.23
C THR A 647 -25.49 -25.85 -16.20
N GLU A 648 -26.68 -26.16 -15.67
CA GLU A 648 -27.81 -26.63 -16.44
C GLU A 648 -28.27 -25.56 -17.41
N LYS A 649 -28.68 -24.42 -16.85
CA LYS A 649 -29.14 -23.27 -17.61
C LYS A 649 -28.14 -22.91 -18.69
N LEU A 650 -26.86 -23.04 -18.39
CA LEU A 650 -25.81 -22.71 -19.34
C LEU A 650 -25.88 -23.61 -20.56
N SER A 651 -25.88 -24.92 -20.32
CA SER A 651 -25.86 -25.93 -21.39
C SER A 651 -27.17 -25.99 -22.20
N LYS A 652 -28.27 -25.57 -21.58
CA LYS A 652 -29.55 -25.37 -22.26
C LYS A 652 -29.75 -23.90 -22.70
N TYR A 653 -28.70 -23.26 -23.20
CA TYR A 653 -28.72 -21.84 -23.65
C TYR A 653 -29.82 -20.92 -23.08
N GLU A 654 -30.03 -20.94 -21.75
CA GLU A 654 -30.99 -20.02 -21.11
C GLU A 654 -30.34 -19.09 -20.10
N VAL A 655 -29.05 -18.79 -20.30
CA VAL A 655 -28.38 -17.74 -19.52
C VAL A 655 -28.20 -16.53 -20.44
N PRO A 656 -28.90 -15.42 -20.12
CA PRO A 656 -28.83 -14.16 -20.85
C PRO A 656 -27.41 -13.92 -21.35
N PRO A 657 -27.21 -13.94 -22.67
CA PRO A 657 -25.86 -13.84 -23.22
C PRO A 657 -25.06 -12.64 -22.71
N GLU A 658 -25.74 -11.60 -22.23
CA GLU A 658 -25.06 -10.45 -21.65
C GLU A 658 -24.08 -10.94 -20.59
N LYS A 659 -24.58 -11.73 -19.65
CA LYS A 659 -23.81 -12.28 -18.54
C LYS A 659 -22.57 -13.09 -18.94
N LEU A 660 -22.34 -13.24 -20.24
CA LEU A 660 -21.21 -14.01 -20.73
C LEU A 660 -20.17 -13.17 -21.40
N VAL A 661 -20.42 -11.86 -21.47
CA VAL A 661 -19.45 -10.96 -22.08
C VAL A 661 -18.25 -10.71 -21.16
N ILE A 662 -17.08 -10.71 -21.81
CA ILE A 662 -15.77 -10.47 -21.21
C ILE A 662 -15.26 -9.13 -21.76
N TYR A 663 -14.96 -8.20 -20.84
CA TYR A 663 -14.45 -6.86 -21.19
C TYR A 663 -12.95 -6.82 -21.01
N GLU A 664 -12.20 -6.87 -22.09
CA GLU A 664 -10.77 -6.70 -21.97
C GLU A 664 -10.32 -5.54 -22.84
N GLN A 665 -9.24 -4.90 -22.41
CA GLN A 665 -8.88 -3.56 -22.86
C GLN A 665 -7.62 -3.59 -23.71
N ILE A 666 -7.50 -2.67 -24.65
CA ILE A 666 -6.31 -2.64 -25.50
C ILE A 666 -5.28 -1.62 -24.96
N THR A 667 -4.00 -1.97 -25.02
CA THR A 667 -2.95 -1.14 -24.42
C THR A 667 -1.94 -0.52 -25.40
N ARG A 668 -1.95 -0.96 -26.66
CA ARG A 668 -0.96 -0.50 -27.66
C ARG A 668 -1.45 -0.69 -29.09
N ASP A 669 -0.78 -0.04 -30.05
CA ASP A 669 -0.95 -0.37 -31.46
C ASP A 669 -0.80 -1.87 -31.63
N LEU A 670 -1.82 -2.51 -32.17
CA LEU A 670 -1.81 -3.96 -32.38
C LEU A 670 -0.51 -4.47 -32.99
N LYS A 671 0.10 -3.67 -33.86
CA LYS A 671 1.41 -3.96 -34.42
C LYS A 671 2.35 -4.36 -33.29
N ASP A 672 2.45 -3.51 -32.26
CA ASP A 672 3.39 -3.69 -31.15
C ASP A 672 3.28 -4.99 -30.35
N TYR A 673 2.06 -5.50 -30.16
CA TYR A 673 1.86 -6.75 -29.41
C TYR A 673 2.76 -7.85 -29.97
N LYS A 674 3.51 -8.50 -29.07
CA LYS A 674 4.42 -9.60 -29.45
C LYS A 674 3.70 -10.95 -29.40
N ALA A 675 2.53 -10.96 -28.75
CA ALA A 675 1.70 -12.17 -28.62
C ALA A 675 0.20 -11.80 -28.59
N THR A 676 -0.65 -12.75 -28.99
CA THR A 676 -2.04 -12.45 -29.29
C THR A 676 -3.01 -13.29 -28.48
N GLY A 677 -3.55 -12.70 -27.42
CA GLY A 677 -4.64 -13.31 -26.67
C GLY A 677 -5.94 -13.24 -27.45
N PRO A 678 -7.05 -13.74 -26.88
CA PRO A 678 -8.38 -13.67 -27.52
C PRO A 678 -8.79 -12.23 -27.88
N HIS A 679 -8.96 -11.39 -26.86
CA HIS A 679 -9.40 -10.01 -27.06
C HIS A 679 -8.50 -9.24 -28.03
N VAL A 680 -7.26 -9.70 -28.18
CA VAL A 680 -6.33 -9.12 -29.14
C VAL A 680 -6.55 -9.71 -30.53
N ALA A 681 -7.04 -10.95 -30.59
CA ALA A 681 -7.31 -11.60 -31.87
C ALA A 681 -8.65 -11.12 -32.43
N VAL A 682 -9.64 -10.93 -31.56
CA VAL A 682 -10.89 -10.27 -31.93
C VAL A 682 -10.61 -8.91 -32.55
N ALA A 683 -9.91 -8.07 -31.78
CA ALA A 683 -9.57 -6.70 -32.18
C ALA A 683 -8.75 -6.68 -33.46
N LYS A 684 -7.75 -7.55 -33.52
CA LYS A 684 -6.87 -7.65 -34.68
C LYS A 684 -7.65 -7.84 -35.97
N ARG A 685 -8.73 -8.62 -35.92
CA ARG A 685 -9.49 -8.87 -37.13
C ARG A 685 -10.54 -7.79 -37.42
N LEU A 686 -11.01 -7.14 -36.36
CA LEU A 686 -11.74 -5.88 -36.53
C LEU A 686 -10.87 -4.87 -37.31
N ALA A 687 -9.60 -4.73 -36.94
CA ALA A 687 -8.72 -3.77 -37.59
C ALA A 687 -8.46 -4.15 -39.04
N ALA A 688 -8.42 -5.45 -39.33
CA ALA A 688 -8.14 -5.92 -40.69
C ALA A 688 -9.27 -5.49 -41.62
N ARG A 689 -10.36 -5.01 -41.02
CA ARG A 689 -11.52 -4.56 -41.76
C ARG A 689 -11.69 -3.06 -41.60
N GLY A 690 -10.59 -2.43 -41.16
CA GLY A 690 -10.48 -0.97 -41.03
C GLY A 690 -11.32 -0.37 -39.93
N ILE A 691 -11.68 -1.15 -38.92
CA ILE A 691 -12.41 -0.58 -37.80
C ILE A 691 -11.41 0.07 -36.84
N LYS A 692 -11.85 1.16 -36.20
CA LYS A 692 -11.03 1.96 -35.31
C LYS A 692 -10.67 1.18 -34.07
N ILE A 693 -9.40 0.81 -33.96
CA ILE A 693 -8.89 0.19 -32.74
C ILE A 693 -7.67 0.97 -32.23
N ARG A 694 -7.79 1.53 -31.03
CA ARG A 694 -6.73 2.34 -30.40
C ARG A 694 -6.46 1.88 -28.96
N PRO A 695 -5.23 2.12 -28.45
CA PRO A 695 -4.99 1.99 -26.99
C PRO A 695 -6.12 2.65 -26.19
N GLY A 696 -6.78 1.89 -25.33
CA GLY A 696 -7.92 2.38 -24.58
C GLY A 696 -9.24 1.78 -25.02
N THR A 697 -9.22 1.10 -26.17
CA THR A 697 -10.40 0.42 -26.73
C THR A 697 -10.76 -0.84 -25.93
N VAL A 698 -12.00 -0.88 -25.46
CA VAL A 698 -12.51 -2.00 -24.70
C VAL A 698 -13.21 -3.04 -25.62
N ILE A 699 -12.48 -4.11 -25.94
CA ILE A 699 -13.02 -5.30 -26.60
C ILE A 699 -14.05 -6.00 -25.71
N SER A 700 -15.20 -6.31 -26.24
CA SER A 700 -16.25 -6.95 -25.47
C SER A 700 -16.70 -8.15 -26.26
N TYR A 701 -16.33 -9.35 -25.83
CA TYR A 701 -16.52 -10.55 -26.64
C TYR A 701 -17.28 -11.68 -25.96
N ILE A 702 -17.89 -12.57 -26.78
CA ILE A 702 -18.36 -13.87 -26.31
C ILE A 702 -17.50 -14.98 -26.94
N VAL A 703 -17.42 -16.12 -26.25
CA VAL A 703 -16.81 -17.31 -26.82
C VAL A 703 -17.94 -18.17 -27.42
N LEU A 704 -17.72 -18.67 -28.63
CA LEU A 704 -18.74 -19.46 -29.31
C LEU A 704 -18.33 -20.92 -29.39
N LYS A 705 -19.33 -21.78 -29.60
CA LYS A 705 -19.13 -23.23 -29.69
C LYS A 705 -18.30 -23.63 -30.93
N GLY A 706 -17.22 -24.36 -30.69
CA GLY A 706 -16.29 -24.72 -31.75
C GLY A 706 -15.01 -25.35 -31.21
N SER A 707 -14.00 -25.46 -32.07
CA SER A 707 -12.77 -26.17 -31.71
C SER A 707 -11.52 -25.27 -31.61
N GLY A 708 -10.47 -25.83 -31.01
CA GLY A 708 -9.17 -25.17 -30.95
C GLY A 708 -9.16 -23.92 -30.07
N ARG A 709 -8.38 -22.91 -30.48
CA ARG A 709 -8.09 -21.75 -29.65
C ARG A 709 -9.32 -20.92 -29.29
N ILE A 710 -9.26 -20.26 -28.13
CA ILE A 710 -10.32 -19.38 -27.69
C ILE A 710 -10.37 -18.11 -28.57
N GLY A 711 -9.21 -17.72 -29.08
CA GLY A 711 -9.13 -16.61 -30.03
C GLY A 711 -9.95 -16.85 -31.30
N ASP A 712 -9.80 -18.04 -31.87
CA ASP A 712 -10.44 -18.38 -33.14
C ASP A 712 -11.98 -18.38 -33.09
N ARG A 713 -12.57 -18.47 -31.90
CA ARG A 713 -14.03 -18.52 -31.82
C ARG A 713 -14.69 -17.51 -30.90
N ALA A 714 -13.92 -16.49 -30.54
CA ALA A 714 -14.47 -15.35 -29.80
C ALA A 714 -14.96 -14.27 -30.75
N ILE A 715 -16.19 -13.80 -30.56
CA ILE A 715 -16.73 -12.76 -31.42
C ILE A 715 -17.14 -11.53 -30.60
N PRO A 716 -17.08 -10.33 -31.19
CA PRO A 716 -17.60 -9.13 -30.56
C PRO A 716 -19.06 -9.28 -30.14
N PHE A 717 -19.39 -8.86 -28.93
CA PHE A 717 -20.77 -8.97 -28.48
C PHE A 717 -21.74 -8.20 -29.41
N ASP A 718 -21.27 -7.06 -29.92
CA ASP A 718 -21.87 -6.36 -31.07
C ASP A 718 -22.43 -7.27 -32.15
N GLU A 719 -21.58 -8.20 -32.60
CA GLU A 719 -21.86 -9.07 -33.74
C GLU A 719 -22.55 -10.39 -33.35
N PHE A 720 -23.00 -10.49 -32.10
CA PHE A 720 -23.60 -11.72 -31.62
C PHE A 720 -25.10 -11.75 -31.87
N ASP A 721 -25.55 -12.74 -32.64
CA ASP A 721 -26.99 -12.93 -32.86
C ASP A 721 -27.48 -14.11 -32.04
N PRO A 722 -28.33 -13.85 -31.02
CA PRO A 722 -28.91 -14.93 -30.20
C PRO A 722 -29.49 -16.04 -31.09
N ALA A 723 -30.29 -15.60 -32.05
CA ALA A 723 -30.92 -16.47 -33.05
C ALA A 723 -29.92 -17.33 -33.86
N LYS A 724 -28.84 -16.75 -34.34
CA LYS A 724 -27.92 -17.51 -35.21
C LYS A 724 -26.78 -18.24 -34.44
N HIS A 725 -26.16 -17.53 -33.51
CA HIS A 725 -24.97 -18.01 -32.83
C HIS A 725 -25.26 -18.86 -31.58
N LYS A 726 -24.32 -19.75 -31.26
CA LYS A 726 -24.40 -20.60 -30.06
C LYS A 726 -23.17 -20.45 -29.14
N TYR A 727 -23.40 -19.94 -27.92
CA TYR A 727 -22.26 -19.77 -26.98
C TYR A 727 -21.61 -21.08 -26.52
N ASP A 728 -20.31 -21.03 -26.28
CA ASP A 728 -19.57 -22.20 -25.86
C ASP A 728 -19.83 -22.58 -24.39
N ALA A 729 -21.02 -23.08 -24.09
CA ALA A 729 -21.40 -23.51 -22.73
C ALA A 729 -20.38 -24.44 -22.03
N GLU A 730 -19.65 -25.25 -22.80
CA GLU A 730 -18.57 -26.04 -22.23
C GLU A 730 -17.48 -25.13 -21.64
N TYR A 731 -17.08 -24.11 -22.39
CA TYR A 731 -16.15 -23.09 -21.90
C TYR A 731 -16.66 -22.37 -20.64
N TYR A 732 -17.93 -21.97 -20.67
CA TYR A 732 -18.42 -21.14 -19.58
C TYR A 732 -18.55 -21.93 -18.28
N ILE A 733 -18.94 -23.21 -18.42
CA ILE A 733 -19.00 -24.14 -17.28
C ILE A 733 -17.60 -24.54 -16.79
N GLU A 734 -16.76 -25.09 -17.67
CA GLU A 734 -15.47 -25.65 -17.27
C GLU A 734 -14.38 -24.62 -17.06
N ASN A 735 -14.26 -23.65 -17.97
CA ASN A 735 -13.20 -22.65 -17.88
C ASN A 735 -13.60 -21.49 -16.96
N GLN A 736 -14.88 -21.13 -16.97
CA GLN A 736 -15.32 -19.93 -16.28
C GLN A 736 -16.02 -20.11 -14.94
N VAL A 737 -17.22 -20.67 -14.92
CA VAL A 737 -18.00 -20.79 -13.70
C VAL A 737 -17.44 -21.78 -12.66
N LEU A 738 -16.91 -22.92 -13.09
CA LEU A 738 -16.63 -23.95 -12.10
C LEU A 738 -15.34 -23.69 -11.36
N PRO A 739 -14.25 -23.32 -12.09
CA PRO A 739 -13.03 -22.96 -11.33
C PRO A 739 -13.26 -21.88 -10.27
N ALA A 740 -14.29 -21.06 -10.42
CA ALA A 740 -14.59 -20.00 -9.47
C ALA A 740 -15.16 -20.50 -8.14
N VAL A 741 -15.57 -21.76 -8.10
CA VAL A 741 -16.44 -22.24 -7.03
C VAL A 741 -16.04 -23.65 -6.53
N GLU A 742 -15.15 -24.28 -7.28
CA GLU A 742 -14.72 -25.66 -7.11
C GLU A 742 -13.99 -25.89 -5.80
N ARG A 743 -12.95 -25.08 -5.58
CA ARG A 743 -12.18 -25.06 -4.34
C ARG A 743 -13.07 -24.86 -3.10
N ILE A 744 -13.99 -23.90 -3.16
CA ILE A 744 -14.94 -23.68 -2.08
C ILE A 744 -15.71 -24.96 -1.73
N LEU A 745 -16.23 -25.63 -2.74
CA LEU A 745 -17.18 -26.70 -2.51
C LEU A 745 -16.56 -28.09 -2.32
N ARG A 746 -15.34 -28.29 -2.83
CA ARG A 746 -14.58 -29.50 -2.53
C ARG A 746 -14.32 -29.54 -1.02
N ALA A 747 -13.99 -28.38 -0.46
CA ALA A 747 -13.87 -28.23 0.98
C ALA A 747 -15.01 -28.92 1.75
N PHE A 748 -16.22 -28.91 1.20
CA PHE A 748 -17.33 -29.57 1.87
C PHE A 748 -17.59 -30.99 1.39
N GLY A 749 -16.63 -31.51 0.64
CA GLY A 749 -16.68 -32.89 0.17
C GLY A 749 -17.20 -33.07 -1.26
N TYR A 750 -17.76 -32.03 -1.86
CA TYR A 750 -18.34 -32.16 -3.20
C TYR A 750 -17.26 -32.19 -4.28
N ARG A 751 -17.47 -33.03 -5.28
CA ARG A 751 -16.55 -33.20 -6.39
C ARG A 751 -17.03 -32.32 -7.57
N LYS A 752 -16.18 -32.09 -8.58
CA LYS A 752 -16.63 -31.32 -9.76
C LYS A 752 -17.88 -31.99 -10.33
N GLU A 753 -17.73 -33.27 -10.68
CA GLU A 753 -18.81 -34.14 -11.15
C GLU A 753 -20.19 -33.85 -10.53
N ASP A 754 -20.25 -33.49 -9.24
CA ASP A 754 -21.52 -33.21 -8.54
C ASP A 754 -22.17 -31.89 -8.88
N LEU A 755 -21.35 -30.98 -9.40
CA LEU A 755 -21.78 -29.61 -9.66
C LEU A 755 -22.20 -29.46 -11.12
N ARG A 756 -21.63 -30.34 -11.95
CA ARG A 756 -21.91 -30.45 -13.36
C ARG A 756 -23.37 -30.90 -13.66
N TYR A 757 -23.68 -31.16 -14.93
CA TYR A 757 -25.08 -31.48 -15.29
C TYR A 757 -25.27 -32.60 -16.32
K K C . 4.09 -12.03 28.44
K K D . -11.96 -7.30 -17.32
K K E . 38.60 -0.44 -4.71
#